data_6AEL
#
_entry.id   6AEL
#
_cell.length_a   53.169
_cell.length_b   94.063
_cell.length_c   74.274
_cell.angle_alpha   90.00
_cell.angle_beta   95.93
_cell.angle_gamma   90.00
#
_symmetry.space_group_name_H-M   'P 1 21 1'
#
loop_
_entity.id
_entity.type
_entity.pdbx_description
1 polymer 'Ectonucleotide pyrophosphatase/phosphodiesterase 1, isoform CRA_d'
2 branched alpha-D-mannopyranose-(1-4)-2-acetamido-2-deoxy-beta-D-glucopyranose-(1-4)-2-acetamido-2-deoxy-beta-D-glucopyranose
3 non-polymer 2-acetamido-2-deoxy-beta-D-glucopyranose
4 non-polymer "2-amino-9-[(2R,3R,3aS,5R,7aR,9R,10R,10aS,12R,14aR)-9-(6-amino-9H-purin-9-yl)-3,5,10,12-tetrahydroxy-5,12-dioxidooctahydro-2H,7H-difuro[3,2-d:3',2'-j][1,3,7,9,2,8]tetraoxadiphosphacyclododecin-2-yl]-1,9-dihydro-6H-purin-6-one"
5 non-polymer 'ZINC ION'
6 non-polymer 'CALCIUM ION'
7 non-polymer 'CHLORIDE ION'
8 non-polymer 1,2-ETHANEDIOL
9 water water
#
_entity_poly.entity_id   1
_entity_poly.type   'polypeptide(L)'
_entity_poly.pdbx_seq_one_letter_code
;GPKSWVEETCESIDTPECPAEFESPPTLLFSLDGFRAEYLHTWGGLLPVISKLKNCGTYTKNMRPMYPTKAFPNHYSIVT
GLYPESHGIIDNKMYDPKMNASFSLKSKEKFNPLWYKGQPIWVTANHQEVKSGTYFWPGSDVEIDGILPDIYKVYNGSVP
FEERILAVLEWLQLPSHERPHFYTLYLEEPDSSGHSHGPVSSEVIKALQKVDRLVGMLMDGLKDLGLDKCLNLILISDHG
MEQGSCKKYVYLNKYLGDVNNVKVVYGPAARLRPTDVPETYYSFNYEALAKNLSCREPNQHFRPYLKPFLPKRLHFAKSD
RIEPLTFYLDPQWQLALNPSERKYCGSGFHGSDNLFSNMQALFIGYGPAFKHGAEVDSFENIEVYNLMCDLLGLIPAPNN
GSHGSLNHLLKKPIYNPSHPKEEGFLSQCPIKSTSNDLGCTCDPWIVPIKDFEKQLNLTTEDDDIYHMTVPYGRPRILLK
QHRVCLLQQQQFLTGYSLDLLMPLWASYTFLSNDQFSRDDFSNCLYQDLRIPLSPVHKCSYYKSNSKLSYGFLTPPRLNR
VSNHIYSEALLTSNIVPMYQSFQVIWHYLHDTLLQRYAHERNGINVVSGPVFDFDYDGRYDSLEILKQNSRVIRSQEILI
PTHFFIVLTSCKQLSETPLECSALESSAYILPHRPDNIESCTHGKRESSWVEELLTLHRARVTDVELITGLSFYQDRQES
VSELLRLKTHLPIFSQED
;
_entity_poly.pdbx_strand_id   A
#
# COMPACT_ATOMS: atom_id res chain seq x y z
N LYS A 3 10.84 10.27 -43.12
CA LYS A 3 11.25 10.60 -41.75
C LYS A 3 10.61 9.67 -40.73
N SER A 4 11.35 9.36 -39.67
CA SER A 4 10.87 8.45 -38.64
C SER A 4 10.04 9.20 -37.61
N TRP A 5 9.32 8.43 -36.78
CA TRP A 5 8.50 9.05 -35.74
C TRP A 5 9.36 9.82 -34.75
N VAL A 6 10.50 9.24 -34.36
CA VAL A 6 11.33 9.86 -33.34
C VAL A 6 11.97 11.15 -33.83
N GLU A 7 12.08 11.35 -35.13
CA GLU A 7 12.68 12.57 -35.65
C GLU A 7 11.67 13.69 -35.89
N GLU A 8 10.37 13.39 -35.82
CA GLU A 8 9.36 14.44 -35.90
C GLU A 8 9.32 15.26 -34.62
N THR A 9 8.98 16.54 -34.77
CA THR A 9 8.76 17.41 -33.64
C THR A 9 7.52 16.96 -32.86
N CYS A 10 7.54 17.20 -31.55
CA CYS A 10 6.41 16.86 -30.72
C CYS A 10 5.29 17.87 -30.93
N GLU A 11 4.12 17.38 -31.34
CA GLU A 11 2.96 18.21 -31.57
C GLU A 11 1.79 17.70 -30.73
N SER A 12 0.96 18.62 -30.27
CA SER A 12 -0.11 18.25 -29.35
C SER A 12 -1.20 17.48 -30.08
N ILE A 13 -1.69 16.42 -29.45
CA ILE A 13 -2.76 15.60 -30.02
C ILE A 13 -4.01 15.83 -29.19
N ASP A 14 -4.70 16.95 -29.42
CA ASP A 14 -5.83 17.31 -28.57
C ASP A 14 -7.05 16.47 -28.89
N THR A 15 -7.16 16.02 -30.13
CA THR A 15 -8.21 15.16 -30.65
C THR A 15 -7.56 13.98 -31.36
N PRO A 16 -8.11 12.77 -31.23
CA PRO A 16 -7.56 11.65 -31.99
C PRO A 16 -7.67 11.89 -33.49
N GLU A 17 -6.56 11.71 -34.20
CA GLU A 17 -6.49 11.87 -35.65
C GLU A 17 -6.44 10.46 -36.25
N CYS A 18 -7.61 9.92 -36.56
CA CYS A 18 -7.77 8.51 -36.87
C CYS A 18 -8.15 8.29 -38.33
N PRO A 19 -7.75 7.16 -38.90
CA PRO A 19 -8.26 6.78 -40.23
C PRO A 19 -9.74 6.45 -40.17
N ALA A 20 -10.36 6.41 -41.36
CA ALA A 20 -11.81 6.25 -41.46
C ALA A 20 -12.28 4.97 -40.79
N GLU A 21 -11.51 3.88 -40.92
CA GLU A 21 -11.88 2.61 -40.32
C GLU A 21 -11.71 2.56 -38.80
N PHE A 22 -11.39 3.68 -38.14
CA PHE A 22 -11.24 3.73 -36.68
C PHE A 22 -12.20 4.77 -36.13
N GLU A 23 -13.12 4.34 -35.27
CA GLU A 23 -14.01 5.28 -34.61
C GLU A 23 -13.39 5.87 -33.36
N SER A 24 -12.48 5.14 -32.71
CA SER A 24 -11.83 5.58 -31.49
C SER A 24 -10.44 4.97 -31.44
N PRO A 25 -9.48 5.62 -30.79
CA PRO A 25 -8.13 5.08 -30.73
C PRO A 25 -8.07 3.87 -29.81
N PRO A 26 -7.35 2.83 -30.22
CA PRO A 26 -7.12 1.69 -29.32
C PRO A 26 -6.11 2.07 -28.23
N THR A 27 -6.02 1.18 -27.24
CA THR A 27 -5.03 1.26 -26.18
C THR A 27 -4.06 0.08 -26.32
N LEU A 28 -2.77 0.37 -26.31
CA LEU A 28 -1.75 -0.67 -26.32
C LEU A 28 -0.91 -0.60 -25.05
N LEU A 29 -0.88 -1.71 -24.31
CA LEU A 29 -0.12 -1.84 -23.07
C LEU A 29 1.18 -2.59 -23.37
N PHE A 30 2.32 -1.90 -23.20
CA PHE A 30 3.62 -2.38 -23.70
C PHE A 30 4.59 -2.53 -22.53
N SER A 31 4.89 -3.76 -22.13
CA SER A 31 5.77 -4.03 -20.99
C SER A 31 7.21 -4.32 -21.41
N LEU A 32 8.15 -3.57 -20.84
CA LEU A 32 9.59 -3.85 -20.92
C LEU A 32 9.98 -4.45 -19.58
N ASP A 33 10.11 -5.78 -19.54
CA ASP A 33 10.30 -6.46 -18.27
C ASP A 33 11.56 -5.95 -17.57
N GLY A 34 11.43 -5.65 -16.27
CA GLY A 34 12.59 -5.32 -15.47
C GLY A 34 13.27 -4.02 -15.82
N PHE A 35 12.54 -3.09 -16.43
CA PHE A 35 13.04 -1.75 -16.74
C PHE A 35 12.90 -0.90 -15.48
N ARG A 36 13.97 -0.78 -14.71
CA ARG A 36 13.88 0.03 -13.50
C ARG A 36 13.83 1.51 -13.86
N ALA A 37 12.99 2.25 -13.12
CA ALA A 37 12.77 3.67 -13.37
C ALA A 37 14.08 4.43 -13.54
N GLU A 38 15.09 4.08 -12.73
CA GLU A 38 16.36 4.80 -12.77
C GLU A 38 17.09 4.65 -14.10
N TYR A 39 16.82 3.59 -14.86
CA TYR A 39 17.47 3.42 -16.17
C TYR A 39 17.22 4.63 -17.07
N LEU A 40 16.00 5.17 -17.03
CA LEU A 40 15.71 6.34 -17.84
C LEU A 40 16.27 7.61 -17.20
N HIS A 41 16.25 7.68 -15.87
CA HIS A 41 16.84 8.82 -15.16
C HIS A 41 18.27 9.06 -15.61
N THR A 42 19.07 7.99 -15.75
CA THR A 42 20.50 8.04 -15.96
C THR A 42 20.92 7.88 -17.41
N TRP A 43 20.29 6.99 -18.18
CA TRP A 43 20.71 6.69 -19.54
C TRP A 43 19.71 7.18 -20.60
N GLY A 44 18.93 8.20 -20.28
CA GLY A 44 17.90 8.66 -21.20
C GLY A 44 18.46 9.18 -22.51
N GLY A 45 19.65 9.81 -22.47
CA GLY A 45 20.25 10.34 -23.67
C GLY A 45 20.60 9.28 -24.70
N LEU A 46 20.74 8.04 -24.26
CA LEU A 46 21.00 6.90 -25.13
C LEU A 46 19.72 6.26 -25.65
N LEU A 47 18.55 6.75 -25.23
CA LEU A 47 17.26 6.17 -25.58
C LEU A 47 16.40 7.26 -26.21
N PRO A 48 16.65 7.61 -27.47
CA PRO A 48 15.90 8.72 -28.06
C PRO A 48 14.41 8.46 -28.17
N VAL A 49 14.02 7.23 -28.50
CA VAL A 49 12.61 6.92 -28.71
C VAL A 49 11.83 7.05 -27.41
N ILE A 50 12.29 6.38 -26.37
CA ILE A 50 11.60 6.42 -25.08
C ILE A 50 11.64 7.82 -24.48
N SER A 51 12.70 8.59 -24.76
CA SER A 51 12.76 9.96 -24.26
C SER A 51 11.72 10.85 -24.94
N LYS A 52 11.48 10.65 -26.23
CA LYS A 52 10.45 11.46 -26.88
C LYS A 52 9.06 11.11 -26.34
N LEU A 53 8.80 9.82 -26.11
CA LEU A 53 7.54 9.45 -25.48
C LEU A 53 7.38 10.15 -24.14
N LYS A 54 8.46 10.20 -23.35
CA LYS A 54 8.39 10.85 -22.04
C LYS A 54 8.16 12.35 -22.17
N ASN A 55 8.97 13.02 -23.00
CA ASN A 55 8.87 14.47 -23.11
C ASN A 55 7.64 14.91 -23.88
N CYS A 56 7.14 14.09 -24.81
CA CYS A 56 5.92 14.39 -25.53
C CYS A 56 4.68 13.76 -24.90
N GLY A 57 4.83 13.07 -23.76
CA GLY A 57 3.72 12.38 -23.14
C GLY A 57 3.60 12.68 -21.66
N THR A 58 3.02 11.73 -20.94
CA THR A 58 2.78 11.83 -19.51
C THR A 58 3.63 10.79 -18.79
N TYR A 59 4.42 11.23 -17.82
CA TYR A 59 5.48 10.41 -17.25
C TYR A 59 5.52 10.61 -15.75
N THR A 60 5.91 9.56 -15.02
CA THR A 60 6.26 9.70 -13.61
C THR A 60 7.67 9.16 -13.42
N LYS A 61 8.46 9.84 -12.59
CA LYS A 61 9.80 9.37 -12.29
C LYS A 61 9.79 7.98 -11.69
N ASN A 62 8.69 7.60 -11.03
CA ASN A 62 8.62 6.32 -10.33
C ASN A 62 7.19 5.81 -10.34
N MET A 63 6.92 4.73 -11.08
CA MET A 63 5.70 3.96 -10.84
C MET A 63 6.00 2.91 -9.77
N ARG A 64 5.22 2.93 -8.69
CA ARG A 64 5.43 2.00 -7.59
C ARG A 64 4.85 0.63 -7.93
N PRO A 65 5.64 -0.43 -7.88
CA PRO A 65 5.13 -1.78 -8.17
C PRO A 65 4.44 -2.36 -6.93
N MET A 66 3.94 -3.58 -7.07
CA MET A 66 3.39 -4.32 -5.94
C MET A 66 4.44 -5.28 -5.38
N TYR A 67 4.26 -5.63 -4.11
CA TYR A 67 5.07 -6.61 -3.42
C TYR A 67 4.47 -8.00 -3.59
N PRO A 68 5.27 -9.05 -3.85
CA PRO A 68 6.72 -8.97 -4.09
C PRO A 68 7.01 -8.49 -5.51
N THR A 69 8.14 -7.82 -5.72
CA THR A 69 8.37 -7.13 -6.98
C THR A 69 8.91 -8.14 -7.99
N LYS A 70 8.00 -9.01 -8.44
CA LYS A 70 8.30 -10.06 -9.41
C LYS A 70 7.35 -9.91 -10.59
N ALA A 71 7.66 -10.65 -11.67
CA ALA A 71 7.01 -10.41 -12.95
C ALA A 71 5.55 -10.82 -12.94
N PHE A 72 5.23 -12.04 -12.48
CA PHE A 72 3.84 -12.48 -12.58
C PHE A 72 2.92 -11.71 -11.64
N PRO A 73 3.25 -11.50 -10.36
CA PRO A 73 2.35 -10.67 -9.52
C PRO A 73 2.08 -9.30 -10.10
N ASN A 74 3.10 -8.68 -10.69
CA ASN A 74 2.95 -7.29 -11.09
C ASN A 74 2.31 -7.13 -12.44
N HIS A 75 2.65 -7.99 -13.42
CA HIS A 75 1.90 -7.94 -14.67
C HIS A 75 0.42 -8.20 -14.43
N TYR A 76 0.10 -9.19 -13.59
CA TYR A 76 -1.32 -9.49 -13.37
C TYR A 76 -1.99 -8.41 -12.52
N SER A 77 -1.26 -7.77 -11.61
CA SER A 77 -1.81 -6.59 -10.93
C SER A 77 -2.13 -5.46 -11.92
N ILE A 78 -1.24 -5.20 -12.88
CA ILE A 78 -1.49 -4.10 -13.81
C ILE A 78 -2.80 -4.30 -14.56
N VAL A 79 -3.11 -5.54 -14.98
CA VAL A 79 -4.31 -5.75 -15.78
C VAL A 79 -5.53 -6.10 -14.94
N THR A 80 -5.40 -6.19 -13.61
CA THR A 80 -6.57 -6.42 -12.77
C THR A 80 -6.86 -5.29 -11.79
N GLY A 81 -5.91 -4.41 -11.52
CA GLY A 81 -6.11 -3.43 -10.46
C GLY A 81 -6.12 -4.00 -9.07
N LEU A 82 -5.71 -5.27 -8.90
CA LEU A 82 -5.76 -5.95 -7.60
C LEU A 82 -4.37 -6.18 -7.01
N TYR A 83 -4.29 -6.12 -5.67
CA TYR A 83 -3.13 -6.62 -4.97
C TYR A 83 -2.93 -8.10 -5.29
N PRO A 84 -1.66 -8.55 -5.40
CA PRO A 84 -1.43 -10.01 -5.56
C PRO A 84 -2.20 -10.87 -4.57
N GLU A 85 -2.30 -10.47 -3.28
CA GLU A 85 -3.02 -11.29 -2.31
C GLU A 85 -4.48 -11.51 -2.72
N SER A 86 -5.05 -10.60 -3.53
CA SER A 86 -6.42 -10.75 -4.00
C SER A 86 -6.50 -11.43 -5.37
N HIS A 87 -5.59 -11.14 -6.29
CA HIS A 87 -5.75 -11.78 -7.60
C HIS A 87 -5.14 -13.18 -7.66
N GLY A 88 -4.47 -13.63 -6.57
CA GLY A 88 -4.07 -15.01 -6.44
C GLY A 88 -2.70 -15.35 -6.99
N ILE A 89 -2.09 -14.45 -7.77
CA ILE A 89 -0.78 -14.73 -8.33
C ILE A 89 0.24 -14.02 -7.44
N ILE A 90 0.57 -14.64 -6.30
CA ILE A 90 1.37 -13.93 -5.32
C ILE A 90 2.87 -14.01 -5.60
N ASP A 91 3.29 -14.85 -6.54
CA ASP A 91 4.70 -14.93 -6.93
C ASP A 91 4.78 -15.77 -8.21
N ASN A 92 5.97 -15.82 -8.80
CA ASN A 92 6.19 -16.67 -9.96
C ASN A 92 6.15 -18.14 -9.61
N LYS A 93 6.37 -18.47 -8.34
CA LYS A 93 6.33 -19.84 -7.84
C LYS A 93 5.49 -19.83 -6.57
N MET A 94 4.55 -20.76 -6.47
CA MET A 94 3.64 -20.78 -5.34
C MET A 94 3.30 -22.21 -4.99
N TYR A 95 2.91 -22.39 -3.74
CA TYR A 95 2.27 -23.63 -3.30
C TYR A 95 0.91 -23.27 -2.72
N ASP A 96 -0.13 -23.96 -3.17
CA ASP A 96 -1.48 -23.79 -2.63
C ASP A 96 -1.81 -25.03 -1.80
N PRO A 97 -2.02 -24.89 -0.49
CA PRO A 97 -2.23 -26.07 0.35
C PRO A 97 -3.59 -26.70 0.16
N LYS A 98 -4.59 -25.93 -0.27
CA LYS A 98 -5.91 -26.50 -0.51
C LYS A 98 -5.96 -27.22 -1.85
N MET A 99 -5.33 -26.66 -2.87
CA MET A 99 -5.16 -27.39 -4.12
C MET A 99 -4.15 -28.52 -4.00
N ASN A 100 -3.26 -28.48 -3.01
CA ASN A 100 -2.06 -29.31 -2.94
C ASN A 100 -1.35 -29.32 -4.31
N ALA A 101 -1.02 -28.12 -4.78
CA ALA A 101 -0.44 -27.96 -6.11
C ALA A 101 0.58 -26.84 -6.09
N SER A 102 1.58 -26.96 -6.95
CA SER A 102 2.62 -25.95 -7.10
C SER A 102 2.50 -25.25 -8.43
N PHE A 103 2.65 -23.94 -8.39
CA PHE A 103 2.66 -23.09 -9.56
C PHE A 103 4.10 -22.72 -9.88
N SER A 104 4.45 -22.72 -11.16
CA SER A 104 5.72 -22.18 -11.61
C SER A 104 5.57 -21.79 -13.08
N LEU A 105 6.55 -21.06 -13.60
CA LEU A 105 6.44 -20.52 -14.94
C LEU A 105 6.76 -21.53 -16.02
N LYS A 106 7.39 -22.64 -15.67
CA LYS A 106 7.75 -23.67 -16.64
C LYS A 106 7.04 -24.98 -16.34
N SER A 107 5.87 -24.90 -15.71
CA SER A 107 5.04 -26.07 -15.43
C SER A 107 3.67 -25.89 -16.05
N LYS A 108 2.99 -27.02 -16.31
CA LYS A 108 1.65 -26.92 -16.92
C LYS A 108 0.65 -26.28 -15.97
N GLU A 109 0.96 -26.20 -14.67
CA GLU A 109 0.07 -25.50 -13.75
C GLU A 109 -0.11 -24.03 -14.12
N LYS A 110 0.84 -23.44 -14.85
CA LYS A 110 0.69 -22.05 -15.27
C LYS A 110 -0.57 -21.81 -16.10
N PHE A 111 -1.11 -22.86 -16.73
CA PHE A 111 -2.30 -22.75 -17.56
C PHE A 111 -3.57 -23.18 -16.83
N ASN A 112 -3.46 -23.49 -15.54
CA ASN A 112 -4.61 -23.91 -14.76
C ASN A 112 -5.39 -22.67 -14.30
N PRO A 113 -6.64 -22.50 -14.72
CA PRO A 113 -7.38 -21.26 -14.39
C PRO A 113 -7.59 -21.04 -12.90
N LEU A 114 -7.48 -22.09 -12.07
CA LEU A 114 -7.75 -21.94 -10.64
C LEU A 114 -6.76 -20.99 -9.96
N TRP A 115 -5.62 -20.74 -10.56
CA TRP A 115 -4.69 -19.81 -9.93
C TRP A 115 -5.13 -18.36 -10.09
N TYR A 116 -5.84 -18.03 -11.17
CA TYR A 116 -6.01 -16.66 -11.62
C TYR A 116 -7.38 -16.11 -11.16
N LYS A 117 -7.38 -15.26 -10.14
CA LYS A 117 -8.59 -14.66 -9.62
C LYS A 117 -8.77 -13.26 -10.23
N GLY A 118 -9.81 -12.57 -9.76
CA GLY A 118 -10.06 -11.22 -10.25
C GLY A 118 -10.51 -11.26 -11.70
N GLN A 119 -10.47 -10.09 -12.34
CA GLN A 119 -10.93 -9.97 -13.72
C GLN A 119 -9.92 -9.14 -14.52
N PRO A 120 -9.06 -9.78 -15.31
CA PRO A 120 -8.14 -9.01 -16.16
C PRO A 120 -8.89 -8.19 -17.21
N ILE A 121 -8.23 -7.14 -17.68
CA ILE A 121 -8.92 -6.12 -18.48
C ILE A 121 -9.48 -6.69 -19.78
N TRP A 122 -8.84 -7.71 -20.36
CA TRP A 122 -9.40 -8.32 -21.57
C TRP A 122 -10.66 -9.10 -21.27
N VAL A 123 -10.81 -9.63 -20.05
CA VAL A 123 -12.09 -10.25 -19.69
C VAL A 123 -13.14 -9.18 -19.47
N THR A 124 -12.82 -8.13 -18.69
CA THR A 124 -13.66 -6.94 -18.59
C THR A 124 -14.11 -6.47 -19.98
N ALA A 125 -13.16 -6.36 -20.92
CA ALA A 125 -13.50 -5.89 -22.25
C ALA A 125 -14.44 -6.85 -22.97
N ASN A 126 -14.17 -8.16 -22.84
CA ASN A 126 -15.00 -9.17 -23.49
C ASN A 126 -16.45 -9.05 -23.03
N HIS A 127 -16.66 -8.92 -21.72
CA HIS A 127 -18.00 -8.78 -21.17
C HIS A 127 -18.71 -7.54 -21.67
N GLN A 128 -17.95 -6.52 -22.10
CA GLN A 128 -18.53 -5.27 -22.56
C GLN A 128 -18.33 -5.06 -24.06
N GLU A 129 -18.21 -6.15 -24.81
CA GLU A 129 -18.20 -6.15 -26.28
C GLU A 129 -16.98 -5.44 -26.87
N VAL A 130 -15.83 -5.52 -26.20
CA VAL A 130 -14.60 -4.93 -26.70
C VAL A 130 -13.60 -6.04 -26.92
N LYS A 131 -12.99 -6.06 -28.11
CA LYS A 131 -12.08 -7.14 -28.48
C LYS A 131 -10.65 -6.84 -28.03
N SER A 132 -9.88 -7.91 -27.84
CA SER A 132 -8.53 -7.82 -27.31
C SER A 132 -7.58 -8.68 -28.13
N GLY A 133 -6.35 -8.19 -28.29
CA GLY A 133 -5.30 -8.98 -28.90
C GLY A 133 -4.05 -8.91 -28.07
N THR A 134 -3.62 -10.03 -27.48
CA THR A 134 -2.49 -10.04 -26.56
C THR A 134 -1.35 -10.83 -27.18
N TYR A 135 -0.20 -10.19 -27.35
CA TYR A 135 1.01 -10.91 -27.73
C TYR A 135 1.87 -11.05 -26.47
N PHE A 136 1.50 -12.04 -25.67
CA PHE A 136 2.09 -12.38 -24.38
C PHE A 136 1.64 -11.37 -23.32
N TRP A 137 1.27 -11.91 -22.18
CA TRP A 137 0.99 -11.21 -20.95
C TRP A 137 0.60 -12.32 -19.99
N PRO A 138 1.17 -12.35 -18.79
CA PRO A 138 0.75 -13.34 -17.79
C PRO A 138 -0.78 -13.39 -17.65
N GLY A 139 -1.31 -14.61 -17.74
CA GLY A 139 -2.74 -14.85 -17.68
C GLY A 139 -3.45 -14.82 -19.03
N SER A 140 -2.84 -14.19 -20.04
CA SER A 140 -3.55 -13.98 -21.30
C SER A 140 -3.62 -15.25 -22.14
N ASP A 141 -2.80 -16.26 -21.83
CA ASP A 141 -2.88 -17.55 -22.49
C ASP A 141 -3.58 -18.59 -21.61
N VAL A 142 -4.38 -18.13 -20.65
CA VAL A 142 -5.12 -18.97 -19.73
C VAL A 142 -6.60 -18.62 -19.87
N GLU A 143 -7.45 -19.63 -19.85
CA GLU A 143 -8.89 -19.38 -19.94
C GLU A 143 -9.39 -18.91 -18.57
N ILE A 144 -9.67 -17.60 -18.46
CA ILE A 144 -10.09 -16.99 -17.21
C ILE A 144 -11.56 -16.60 -17.34
N ASP A 145 -12.39 -17.14 -16.44
CA ASP A 145 -13.83 -16.92 -16.48
C ASP A 145 -14.40 -17.43 -17.81
N GLY A 146 -13.83 -18.55 -18.28
CA GLY A 146 -14.23 -19.11 -19.56
C GLY A 146 -13.88 -18.26 -20.77
N ILE A 147 -13.02 -17.27 -20.60
CA ILE A 147 -12.76 -16.27 -21.63
C ILE A 147 -11.26 -16.25 -21.94
N LEU A 148 -10.94 -16.17 -23.22
CA LEU A 148 -9.61 -15.92 -23.74
C LEU A 148 -9.63 -14.63 -24.56
N PRO A 149 -8.49 -13.94 -24.69
CA PRO A 149 -8.43 -12.78 -25.59
C PRO A 149 -8.86 -13.20 -26.99
N ASP A 150 -9.41 -12.25 -27.75
CA ASP A 150 -9.84 -12.58 -29.11
C ASP A 150 -8.67 -13.06 -29.95
N ILE A 151 -7.50 -12.47 -29.77
CA ILE A 151 -6.26 -12.98 -30.33
C ILE A 151 -5.26 -13.08 -29.18
N TYR A 152 -4.66 -14.26 -29.02
CA TYR A 152 -3.67 -14.43 -27.96
C TYR A 152 -2.57 -15.37 -28.45
N LYS A 153 -1.46 -15.38 -27.71
CA LYS A 153 -0.31 -16.21 -28.02
C LYS A 153 0.14 -16.93 -26.75
N VAL A 154 0.26 -18.26 -26.83
CA VAL A 154 0.84 -19.00 -25.73
C VAL A 154 2.28 -18.56 -25.54
N TYR A 155 2.68 -18.31 -24.29
CA TYR A 155 3.98 -17.68 -24.07
C TYR A 155 5.09 -18.55 -24.63
N ASN A 156 6.01 -17.91 -25.36
CA ASN A 156 7.18 -18.59 -25.90
C ASN A 156 8.29 -17.55 -25.96
N GLY A 157 9.18 -17.59 -24.97
CA GLY A 157 10.20 -16.56 -24.85
C GLY A 157 11.18 -16.51 -26.01
N SER A 158 11.21 -17.54 -26.86
CA SER A 158 12.13 -17.60 -28.00
C SER A 158 11.63 -16.85 -29.22
N VAL A 159 10.41 -16.32 -29.21
CA VAL A 159 9.90 -15.60 -30.37
C VAL A 159 10.65 -14.28 -30.50
N PRO A 160 11.28 -14.00 -31.64
CA PRO A 160 12.02 -12.74 -31.80
C PRO A 160 11.16 -11.52 -31.52
N PHE A 161 11.76 -10.52 -30.89
CA PHE A 161 11.03 -9.32 -30.49
C PHE A 161 10.39 -8.64 -31.69
N GLU A 162 11.09 -8.60 -32.83
CA GLU A 162 10.54 -7.97 -34.03
C GLU A 162 9.24 -8.62 -34.49
N GLU A 163 9.19 -9.95 -34.41
CA GLU A 163 8.00 -10.66 -34.87
C GLU A 163 6.79 -10.35 -34.00
N ARG A 164 7.02 -10.13 -32.70
CA ARG A 164 5.93 -9.76 -31.81
C ARG A 164 5.33 -8.42 -32.24
N ILE A 165 6.19 -7.44 -32.57
CA ILE A 165 5.70 -6.12 -32.94
C ILE A 165 4.99 -6.15 -34.27
N LEU A 166 5.54 -6.90 -35.23
CA LEU A 166 4.91 -6.98 -36.55
C LEU A 166 3.54 -7.65 -36.48
N ALA A 167 3.37 -8.62 -35.59
CA ALA A 167 2.07 -9.28 -35.46
C ALA A 167 1.01 -8.29 -35.00
N VAL A 168 1.32 -7.51 -33.95
CA VAL A 168 0.40 -6.49 -33.48
C VAL A 168 0.07 -5.50 -34.60
N LEU A 169 1.07 -5.12 -35.40
CA LEU A 169 0.84 -4.20 -36.51
C LEU A 169 -0.07 -4.82 -37.58
N GLU A 170 0.00 -6.13 -37.77
CA GLU A 170 -0.95 -6.79 -38.66
C GLU A 170 -2.34 -6.84 -38.03
N TRP A 171 -2.41 -7.13 -36.73
CA TRP A 171 -3.71 -7.14 -36.06
C TRP A 171 -4.40 -5.79 -36.23
N LEU A 172 -3.64 -4.69 -36.15
CA LEU A 172 -4.24 -3.37 -36.31
C LEU A 172 -4.75 -3.14 -37.72
N GLN A 173 -4.34 -3.96 -38.69
CA GLN A 173 -4.83 -3.86 -40.05
C GLN A 173 -6.03 -4.76 -40.31
N LEU A 174 -6.55 -5.44 -39.30
CA LEU A 174 -7.73 -6.27 -39.49
C LEU A 174 -8.95 -5.41 -39.74
N PRO A 175 -9.99 -5.96 -40.37
CA PRO A 175 -11.22 -5.20 -40.54
C PRO A 175 -11.87 -4.90 -39.18
N SER A 176 -12.72 -3.87 -39.19
CA SER A 176 -13.25 -3.34 -37.93
C SER A 176 -14.00 -4.39 -37.13
N HIS A 177 -14.78 -5.24 -37.80
CA HIS A 177 -15.57 -6.21 -37.03
C HIS A 177 -14.73 -7.35 -36.46
N GLU A 178 -13.43 -7.38 -36.71
CA GLU A 178 -12.55 -8.35 -36.08
C GLU A 178 -11.36 -7.72 -35.37
N ARG A 179 -11.15 -6.43 -35.51
CA ARG A 179 -9.94 -5.80 -35.01
C ARG A 179 -10.06 -5.57 -33.50
N PRO A 180 -9.05 -5.95 -32.73
CA PRO A 180 -9.09 -5.66 -31.28
C PRO A 180 -9.00 -4.16 -31.02
N HIS A 181 -9.51 -3.76 -29.86
CA HIS A 181 -9.43 -2.40 -29.35
C HIS A 181 -8.41 -2.27 -28.23
N PHE A 182 -8.05 -3.38 -27.58
CA PHE A 182 -7.03 -3.42 -26.55
C PHE A 182 -5.94 -4.41 -26.95
N TYR A 183 -4.68 -4.01 -26.77
CA TYR A 183 -3.54 -4.83 -27.13
C TYR A 183 -2.50 -4.87 -26.03
N THR A 184 -1.73 -5.97 -25.98
CA THR A 184 -0.54 -6.06 -25.14
C THR A 184 0.66 -6.50 -25.95
N LEU A 185 1.81 -5.96 -25.56
CA LEU A 185 3.12 -6.39 -26.04
C LEU A 185 4.01 -6.60 -24.82
N TYR A 186 4.86 -7.62 -24.87
CA TYR A 186 5.76 -7.92 -23.77
C TYR A 186 7.12 -8.34 -24.31
N LEU A 187 8.19 -7.78 -23.73
CA LEU A 187 9.57 -8.16 -24.04
C LEU A 187 10.30 -8.53 -22.75
N GLU A 188 11.21 -9.51 -22.85
CA GLU A 188 11.97 -9.98 -21.69
C GLU A 188 13.12 -9.07 -21.30
N GLU A 189 13.48 -8.08 -22.14
CA GLU A 189 14.56 -7.17 -21.80
C GLU A 189 14.01 -5.84 -21.29
N PRO A 190 14.75 -5.13 -20.42
CA PRO A 190 16.11 -5.44 -19.96
C PRO A 190 16.21 -6.38 -18.76
N ASP A 191 15.14 -7.10 -18.40
CA ASP A 191 15.21 -8.03 -17.27
C ASP A 191 16.29 -9.09 -17.47
N SER A 192 16.35 -9.70 -18.66
CA SER A 192 17.29 -10.80 -18.91
C SER A 192 18.73 -10.36 -18.69
N SER A 193 19.14 -9.25 -19.33
CA SER A 193 20.50 -8.77 -19.16
C SER A 193 20.75 -8.29 -17.74
N GLY A 194 19.74 -7.72 -17.08
CA GLY A 194 19.91 -7.28 -15.70
C GLY A 194 20.26 -8.42 -14.77
N HIS A 195 19.58 -9.56 -14.93
CA HIS A 195 19.91 -10.74 -14.12
C HIS A 195 21.31 -11.25 -14.46
N SER A 196 21.58 -11.45 -15.76
CA SER A 196 22.80 -12.17 -16.12
C SER A 196 24.05 -11.36 -15.84
N HIS A 197 23.97 -10.03 -15.95
CA HIS A 197 25.14 -9.18 -15.87
C HIS A 197 25.04 -8.05 -14.85
N GLY A 198 23.90 -7.87 -14.19
CA GLY A 198 23.76 -6.81 -13.20
C GLY A 198 23.14 -5.58 -13.80
N PRO A 199 22.47 -4.75 -12.98
CA PRO A 199 21.79 -3.57 -13.55
C PRO A 199 22.75 -2.53 -14.06
N VAL A 200 23.95 -2.41 -13.51
CA VAL A 200 24.95 -1.46 -14.00
C VAL A 200 25.96 -2.26 -14.81
N SER A 201 25.69 -2.43 -16.10
CA SER A 201 26.53 -3.23 -16.97
C SER A 201 26.36 -2.78 -18.40
N SER A 202 27.40 -3.02 -19.21
CA SER A 202 27.31 -2.69 -20.64
C SER A 202 26.28 -3.57 -21.33
N GLU A 203 26.04 -4.78 -20.82
CA GLU A 203 25.02 -5.63 -21.40
C GLU A 203 23.63 -5.05 -21.21
N VAL A 204 23.35 -4.44 -20.05
CA VAL A 204 22.03 -3.85 -19.84
C VAL A 204 21.83 -2.65 -20.76
N ILE A 205 22.88 -1.83 -20.92
CA ILE A 205 22.80 -0.68 -21.81
C ILE A 205 22.49 -1.13 -23.24
N LYS A 206 23.17 -2.17 -23.72
CA LYS A 206 22.84 -2.74 -25.02
C LYS A 206 21.38 -3.18 -25.07
N ALA A 207 20.92 -3.88 -24.02
CA ALA A 207 19.53 -4.30 -23.96
C ALA A 207 18.59 -3.11 -23.98
N LEU A 208 18.98 -2.01 -23.32
CA LEU A 208 18.12 -0.84 -23.31
C LEU A 208 18.06 -0.19 -24.69
N GLN A 209 19.19 -0.14 -25.41
CA GLN A 209 19.18 0.39 -26.75
C GLN A 209 18.35 -0.48 -27.69
N LYS A 210 18.44 -1.81 -27.53
CA LYS A 210 17.66 -2.71 -28.37
C LYS A 210 16.16 -2.48 -28.22
N VAL A 211 15.66 -2.43 -26.97
CA VAL A 211 14.23 -2.21 -26.80
C VAL A 211 13.83 -0.80 -27.20
N ASP A 212 14.75 0.16 -27.10
CA ASP A 212 14.45 1.51 -27.58
C ASP A 212 14.23 1.51 -29.10
N ARG A 213 15.06 0.78 -29.84
CA ARG A 213 14.84 0.66 -31.28
C ARG A 213 13.56 -0.10 -31.58
N LEU A 214 13.21 -1.07 -30.74
CA LEU A 214 11.99 -1.84 -30.98
C LEU A 214 10.75 -0.99 -30.75
N VAL A 215 10.76 -0.14 -29.73
CA VAL A 215 9.64 0.79 -29.55
C VAL A 215 9.57 1.74 -30.74
N GLY A 216 10.72 2.22 -31.22
CA GLY A 216 10.74 3.01 -32.44
C GLY A 216 10.18 2.26 -33.63
N MET A 217 10.49 0.97 -33.73
CA MET A 217 9.89 0.13 -34.76
C MET A 217 8.37 0.13 -34.65
N LEU A 218 7.85 0.05 -33.42
CA LEU A 218 6.41 0.14 -33.21
C LEU A 218 5.88 1.49 -33.65
N MET A 219 6.51 2.58 -33.17
CA MET A 219 6.04 3.91 -33.52
C MET A 219 6.13 4.17 -35.01
N ASP A 220 7.20 3.67 -35.66
CA ASP A 220 7.31 3.83 -37.10
C ASP A 220 6.20 3.07 -37.82
N GLY A 221 5.85 1.87 -37.34
CA GLY A 221 4.74 1.14 -37.93
C GLY A 221 3.42 1.86 -37.78
N LEU A 222 3.16 2.42 -36.60
CA LEU A 222 1.92 3.18 -36.38
C LEU A 222 1.86 4.39 -37.31
N LYS A 223 2.98 5.07 -37.50
CA LYS A 223 3.01 6.21 -38.41
C LYS A 223 2.68 5.78 -39.83
N ASP A 224 3.27 4.67 -40.28
CA ASP A 224 2.99 4.16 -41.62
C ASP A 224 1.52 3.82 -41.78
N LEU A 225 0.90 3.28 -40.72
CA LEU A 225 -0.52 2.98 -40.76
C LEU A 225 -1.39 4.21 -40.56
N GLY A 226 -0.80 5.38 -40.36
CA GLY A 226 -1.55 6.56 -40.01
C GLY A 226 -2.17 6.51 -38.63
N LEU A 227 -1.50 5.83 -37.68
CA LEU A 227 -2.05 5.59 -36.36
C LEU A 227 -1.26 6.24 -35.23
N ASP A 228 -0.15 6.92 -35.52
CA ASP A 228 0.69 7.44 -34.45
C ASP A 228 0.06 8.61 -33.71
N LYS A 229 -1.07 9.15 -34.20
CA LYS A 229 -1.88 10.09 -33.44
C LYS A 229 -3.28 9.54 -33.17
N CYS A 230 -3.45 8.22 -33.28
CA CYS A 230 -4.72 7.55 -33.00
C CYS A 230 -4.49 6.28 -32.18
N LEU A 231 -3.64 6.37 -31.17
CA LEU A 231 -3.37 5.19 -30.36
C LEU A 231 -2.87 5.66 -29.01
N ASN A 232 -3.50 5.18 -27.94
CA ASN A 232 -3.08 5.46 -26.59
C ASN A 232 -2.09 4.39 -26.16
N LEU A 233 -0.84 4.79 -26.01
CA LEU A 233 0.26 3.90 -25.66
C LEU A 233 0.55 4.04 -24.16
N ILE A 234 0.64 2.91 -23.47
CA ILE A 234 1.11 2.85 -22.09
C ILE A 234 2.38 1.99 -22.11
N LEU A 235 3.54 2.63 -22.00
CA LEU A 235 4.82 1.95 -21.91
C LEU A 235 5.16 1.75 -20.43
N ILE A 236 5.35 0.50 -20.01
CA ILE A 236 5.30 0.15 -18.60
C ILE A 236 6.35 -0.92 -18.30
N SER A 237 6.71 -1.05 -17.03
CA SER A 237 7.49 -2.20 -16.59
C SER A 237 6.89 -2.75 -15.30
N ASP A 238 7.29 -3.98 -14.97
CA ASP A 238 6.72 -4.67 -13.83
C ASP A 238 7.45 -4.37 -12.54
N HIS A 239 8.75 -4.05 -12.61
CA HIS A 239 9.57 -3.82 -11.43
C HIS A 239 10.94 -3.35 -11.89
N GLY A 240 11.78 -2.99 -10.94
CA GLY A 240 13.14 -2.59 -11.17
C GLY A 240 14.11 -3.75 -11.06
N MET A 241 15.35 -3.43 -10.69
CA MET A 241 16.45 -4.39 -10.67
C MET A 241 17.50 -3.91 -9.68
N GLU A 242 18.08 -4.87 -8.95
CA GLU A 242 19.11 -4.60 -7.95
C GLU A 242 20.31 -5.51 -8.22
N GLN A 243 21.47 -5.11 -7.73
CA GLN A 243 22.67 -5.93 -7.83
C GLN A 243 22.78 -6.82 -6.60
N GLY A 244 22.72 -8.14 -6.80
CA GLY A 244 22.90 -9.06 -5.71
C GLY A 244 24.37 -9.31 -5.40
N SER A 245 24.63 -9.81 -4.19
CA SER A 245 25.99 -10.15 -3.79
C SER A 245 25.99 -11.44 -3.02
N CYS A 246 27.03 -12.24 -3.21
CA CYS A 246 27.18 -13.45 -2.40
C CYS A 246 27.52 -13.10 -0.95
N LYS A 247 28.02 -11.89 -0.70
CA LYS A 247 28.28 -11.41 0.64
C LYS A 247 27.05 -10.78 1.29
N LYS A 248 25.97 -10.63 0.54
CA LYS A 248 24.73 -10.12 1.13
C LYS A 248 23.64 -11.15 0.95
N TYR A 249 23.90 -12.36 1.40
CA TYR A 249 22.96 -13.47 1.28
C TYR A 249 22.85 -14.16 2.63
N VAL A 250 21.65 -14.25 3.15
CA VAL A 250 21.39 -14.88 4.43
C VAL A 250 21.06 -16.35 4.17
N TYR A 251 21.70 -17.25 4.93
CA TYR A 251 21.39 -18.69 4.88
C TYR A 251 20.85 -19.13 6.23
N LEU A 252 19.61 -19.64 6.25
CA LEU A 252 18.98 -19.98 7.53
C LEU A 252 19.72 -21.10 8.25
N ASN A 253 20.42 -21.98 7.52
CA ASN A 253 21.11 -23.07 8.17
C ASN A 253 22.21 -22.60 9.12
N LYS A 254 22.63 -21.34 9.04
CA LYS A 254 23.53 -20.80 10.06
C LYS A 254 22.90 -20.86 11.45
N TYR A 255 21.60 -20.59 11.55
CA TYR A 255 20.90 -20.58 12.82
C TYR A 255 20.16 -21.88 13.09
N LEU A 256 19.67 -22.56 12.05
CA LEU A 256 18.87 -23.76 12.22
C LEU A 256 19.66 -25.05 12.13
N GLY A 257 20.87 -25.02 11.58
CA GLY A 257 21.53 -26.24 11.19
C GLY A 257 20.99 -26.73 9.85
N ASP A 258 21.54 -27.84 9.39
CA ASP A 258 21.22 -28.33 8.04
C ASP A 258 19.94 -29.18 8.09
N VAL A 259 18.84 -28.50 8.37
CA VAL A 259 17.54 -29.14 8.35
C VAL A 259 17.08 -29.36 6.92
N ASN A 260 16.11 -30.27 6.78
CA ASN A 260 15.53 -30.54 5.46
C ASN A 260 14.03 -30.73 5.52
N ASN A 261 13.39 -30.36 6.64
CA ASN A 261 11.95 -30.46 6.79
C ASN A 261 11.25 -29.13 6.49
N VAL A 262 11.97 -28.15 5.94
CA VAL A 262 11.36 -26.88 5.54
C VAL A 262 11.80 -26.54 4.13
N LYS A 263 10.94 -25.82 3.44
CA LYS A 263 11.17 -25.36 2.08
C LYS A 263 11.13 -23.84 2.10
N VAL A 264 12.16 -23.21 1.56
CA VAL A 264 12.27 -21.75 1.57
C VAL A 264 12.27 -21.28 0.14
N VAL A 265 11.31 -20.42 -0.20
CA VAL A 265 11.32 -19.73 -1.48
C VAL A 265 12.41 -18.68 -1.41
N TYR A 266 13.50 -18.85 -2.15
CA TYR A 266 14.65 -18.01 -1.89
C TYR A 266 14.53 -16.67 -2.61
N GLY A 267 15.23 -15.68 -2.08
CA GLY A 267 15.32 -14.38 -2.68
C GLY A 267 15.11 -13.30 -1.64
N PRO A 268 14.85 -12.07 -2.10
CA PRO A 268 14.62 -10.97 -1.15
C PRO A 268 13.29 -10.99 -0.45
N ALA A 269 12.29 -11.70 -0.97
CA ALA A 269 11.00 -11.75 -0.31
C ALA A 269 10.70 -13.18 0.08
N ALA A 270 11.69 -13.82 0.72
CA ALA A 270 11.61 -15.26 0.94
C ALA A 270 10.43 -15.64 1.82
N ARG A 271 9.96 -16.87 1.63
CA ARG A 271 8.83 -17.45 2.37
C ARG A 271 9.20 -18.85 2.79
N LEU A 272 8.57 -19.35 3.85
CA LEU A 272 8.94 -20.64 4.40
C LEU A 272 7.71 -21.47 4.70
N ARG A 273 7.79 -22.75 4.38
CA ARG A 273 6.74 -23.71 4.69
CA ARG A 273 6.75 -23.72 4.70
C ARG A 273 7.42 -25.04 5.01
N PRO A 274 6.74 -25.92 5.75
CA PRO A 274 7.26 -27.28 5.92
C PRO A 274 7.26 -28.01 4.59
N THR A 275 8.14 -29.01 4.49
CA THR A 275 8.18 -29.87 3.31
C THR A 275 7.04 -30.89 3.31
N ASP A 276 6.53 -31.25 4.49
CA ASP A 276 5.47 -32.26 4.61
C ASP A 276 4.12 -31.58 4.48
N VAL A 277 3.76 -31.28 3.24
CA VAL A 277 2.51 -30.57 2.95
C VAL A 277 1.63 -31.47 2.09
N PRO A 278 0.31 -31.38 2.21
CA PRO A 278 -0.40 -30.42 3.06
C PRO A 278 -0.60 -30.83 4.52
N GLU A 279 -0.20 -32.04 4.91
CA GLU A 279 -0.57 -32.58 6.23
C GLU A 279 -0.23 -31.62 7.35
N THR A 280 0.98 -31.05 7.32
CA THR A 280 1.46 -30.20 8.41
C THR A 280 1.49 -28.72 8.03
N TYR A 281 0.86 -28.33 6.92
CA TYR A 281 0.94 -26.93 6.48
C TYR A 281 0.40 -25.98 7.54
N TYR A 282 -0.64 -26.38 8.27
CA TYR A 282 -1.25 -25.53 9.27
C TYR A 282 -0.84 -25.88 10.70
N SER A 283 -0.33 -27.08 10.93
CA SER A 283 0.09 -27.48 12.27
C SER A 283 1.54 -27.15 12.55
N PHE A 284 2.32 -26.80 11.53
CA PHE A 284 3.74 -26.51 11.71
C PHE A 284 3.92 -25.33 12.66
N ASN A 285 4.96 -25.38 13.49
CA ASN A 285 5.16 -24.33 14.49
C ASN A 285 5.97 -23.19 13.87
N TYR A 286 5.28 -22.34 13.09
CA TYR A 286 5.92 -21.20 12.44
C TYR A 286 6.41 -20.17 13.45
N GLU A 287 5.65 -19.93 14.51
CA GLU A 287 6.04 -18.92 15.50
C GLU A 287 7.36 -19.30 16.17
N ALA A 288 7.50 -20.56 16.58
CA ALA A 288 8.78 -20.99 17.15
C ALA A 288 9.93 -20.76 16.16
N LEU A 289 9.68 -21.04 14.87
CA LEU A 289 10.75 -20.85 13.90
C LEU A 289 11.04 -19.36 13.74
N ALA A 290 9.99 -18.53 13.70
CA ALA A 290 10.19 -17.10 13.55
C ALA A 290 11.00 -16.54 14.72
N LYS A 291 10.69 -16.99 15.94
CA LYS A 291 11.40 -16.48 17.11
C LYS A 291 12.85 -16.96 17.16
N ASN A 292 13.13 -18.17 16.65
CA ASN A 292 14.53 -18.62 16.59
C ASN A 292 15.34 -17.82 15.60
N LEU A 293 14.71 -17.15 14.64
CA LEU A 293 15.39 -16.41 13.60
C LEU A 293 15.39 -14.91 13.84
N SER A 294 14.88 -14.46 14.99
CA SER A 294 14.72 -13.05 15.30
C SER A 294 15.87 -12.57 16.17
N CYS A 295 16.43 -11.41 15.83
CA CYS A 295 17.42 -10.73 16.67
C CYS A 295 18.63 -11.63 16.94
N ARG A 296 19.14 -12.28 15.90
CA ARG A 296 20.31 -13.15 16.05
C ARG A 296 21.61 -12.44 15.78
N GLU A 297 21.61 -11.40 14.95
CA GLU A 297 22.79 -10.64 14.61
C GLU A 297 22.60 -9.17 14.95
N PRO A 298 23.66 -8.46 15.28
CA PRO A 298 23.56 -7.00 15.35
C PRO A 298 23.31 -6.43 13.96
N ASN A 299 22.38 -5.48 13.89
CA ASN A 299 22.04 -4.86 12.61
C ASN A 299 21.65 -5.92 11.59
N GLN A 300 20.91 -6.92 12.06
CA GLN A 300 20.45 -8.02 11.22
C GLN A 300 19.77 -7.49 9.98
N HIS A 301 20.15 -8.02 8.82
CA HIS A 301 19.64 -7.54 7.53
C HIS A 301 18.43 -8.32 7.02
N PHE A 302 17.94 -9.28 7.78
CA PHE A 302 16.70 -9.97 7.47
C PHE A 302 15.84 -9.98 8.72
N ARG A 303 14.52 -10.05 8.52
CA ARG A 303 13.62 -10.10 9.65
C ARG A 303 12.49 -11.09 9.35
N PRO A 304 12.28 -12.08 10.21
CA PRO A 304 11.11 -12.95 10.05
C PRO A 304 9.82 -12.22 10.42
N TYR A 305 8.77 -12.49 9.65
CA TYR A 305 7.44 -11.97 9.94
C TYR A 305 6.42 -13.08 9.72
N LEU A 306 5.65 -13.43 10.75
CA LEU A 306 4.38 -14.09 10.47
C LEU A 306 3.56 -13.15 9.60
N LYS A 307 2.93 -13.68 8.54
CA LYS A 307 2.43 -12.77 7.50
C LYS A 307 1.45 -11.69 7.97
N PRO A 308 0.58 -11.91 8.97
CA PRO A 308 -0.28 -10.79 9.40
C PRO A 308 0.50 -9.63 10.01
N PHE A 309 1.77 -9.82 10.36
CA PHE A 309 2.57 -8.79 11.04
C PHE A 309 3.43 -7.97 10.09
N LEU A 310 3.53 -8.37 8.81
CA LEU A 310 4.14 -7.55 7.78
C LEU A 310 3.49 -6.18 7.76
N PRO A 311 4.22 -5.13 7.40
CA PRO A 311 3.60 -3.82 7.21
C PRO A 311 2.38 -3.89 6.30
N LYS A 312 1.30 -3.27 6.75
CA LYS A 312 0.03 -3.29 6.01
C LYS A 312 0.16 -2.71 4.62
N ARG A 313 1.05 -1.75 4.43
CA ARG A 313 1.22 -1.11 3.13
C ARG A 313 1.59 -2.11 2.05
N LEU A 314 2.17 -3.26 2.41
CA LEU A 314 2.52 -4.28 1.44
C LEU A 314 1.32 -5.09 0.99
N HIS A 315 0.25 -5.11 1.78
CA HIS A 315 -0.97 -5.87 1.50
C HIS A 315 -0.66 -7.28 1.05
N PHE A 316 0.12 -7.99 1.87
CA PHE A 316 0.68 -9.28 1.46
C PHE A 316 0.39 -10.34 2.52
N ALA A 317 -0.87 -10.73 2.68
CA ALA A 317 -1.19 -11.77 3.66
C ALA A 317 -2.46 -12.57 3.37
N LYS A 318 -3.45 -11.99 2.68
CA LYS A 318 -4.77 -12.61 2.55
C LYS A 318 -4.85 -13.54 1.33
N SER A 319 -3.94 -14.48 1.28
CA SER A 319 -4.00 -15.56 0.31
C SER A 319 -3.47 -16.79 1.01
N ASP A 320 -4.16 -17.92 0.82
CA ASP A 320 -3.63 -19.18 1.32
C ASP A 320 -2.33 -19.59 0.62
N ARG A 321 -1.95 -18.93 -0.46
CA ARG A 321 -0.70 -19.21 -1.15
C ARG A 321 0.47 -18.42 -0.58
N ILE A 322 0.22 -17.53 0.37
CA ILE A 322 1.27 -16.81 1.08
C ILE A 322 1.51 -17.59 2.37
N GLU A 323 2.70 -18.19 2.48
CA GLU A 323 3.07 -18.98 3.64
C GLU A 323 2.93 -18.18 4.94
N PRO A 324 2.55 -18.84 6.03
CA PRO A 324 2.45 -18.11 7.32
C PRO A 324 3.73 -17.44 7.76
N LEU A 325 4.90 -17.89 7.30
CA LEU A 325 6.18 -17.26 7.65
C LEU A 325 6.81 -16.66 6.41
N THR A 326 7.09 -15.36 6.49
CA THR A 326 7.77 -14.61 5.44
C THR A 326 8.98 -13.91 6.04
N PHE A 327 9.80 -13.34 5.17
CA PHE A 327 10.99 -12.60 5.57
C PHE A 327 11.06 -11.27 4.85
N TYR A 328 11.46 -10.25 5.60
CA TYR A 328 11.67 -8.91 5.07
C TYR A 328 13.17 -8.64 5.03
N LEU A 329 13.66 -8.19 3.88
CA LEU A 329 15.09 -8.09 3.62
C LEU A 329 15.48 -6.65 3.36
N ASP A 330 16.65 -6.26 3.87
CA ASP A 330 17.19 -4.94 3.57
C ASP A 330 17.49 -4.81 2.07
N PRO A 331 17.64 -3.58 1.57
CA PRO A 331 18.08 -3.39 0.19
C PRO A 331 19.36 -4.17 -0.10
N GLN A 332 19.39 -4.82 -1.26
CA GLN A 332 20.48 -5.60 -1.82
C GLN A 332 20.61 -6.99 -1.19
N TRP A 333 19.86 -7.31 -0.15
CA TRP A 333 20.02 -8.57 0.58
C TRP A 333 19.00 -9.62 0.13
N GLN A 334 19.42 -10.88 0.17
CA GLN A 334 18.58 -12.01 -0.17
C GLN A 334 18.73 -13.11 0.87
N LEU A 335 17.80 -14.06 0.85
CA LEU A 335 17.74 -15.13 1.85
C LEU A 335 17.43 -16.47 1.19
N ALA A 336 18.08 -17.53 1.68
CA ALA A 336 17.75 -18.90 1.29
C ALA A 336 17.93 -19.82 2.50
N LEU A 337 17.44 -21.05 2.38
CA LEU A 337 17.66 -22.03 3.46
C LEU A 337 19.15 -22.35 3.61
N ASN A 338 19.83 -22.55 2.49
CA ASN A 338 21.27 -22.83 2.48
C ASN A 338 21.79 -22.50 1.09
N PRO A 339 23.13 -22.50 0.90
CA PRO A 339 23.69 -22.19 -0.43
C PRO A 339 23.28 -23.12 -1.55
N SER A 340 22.81 -24.33 -1.26
CA SER A 340 22.37 -25.20 -2.34
C SER A 340 20.96 -24.87 -2.82
N GLU A 341 20.18 -24.14 -2.03
CA GLU A 341 18.79 -23.88 -2.37
C GLU A 341 18.58 -22.45 -2.87
N ARG A 342 19.37 -22.06 -3.87
CA ARG A 342 19.26 -20.74 -4.47
C ARG A 342 20.03 -20.76 -5.79
N LYS A 343 19.70 -19.82 -6.68
CA LYS A 343 20.45 -19.59 -7.90
C LYS A 343 21.69 -18.77 -7.56
N TYR A 344 22.40 -18.28 -8.58
CA TYR A 344 23.67 -17.61 -8.33
C TYR A 344 23.48 -16.33 -7.51
N CYS A 345 24.28 -16.20 -6.45
CA CYS A 345 24.13 -15.11 -5.50
C CYS A 345 24.71 -13.78 -5.98
N GLY A 346 25.44 -13.75 -7.10
CA GLY A 346 26.01 -12.51 -7.58
C GLY A 346 25.28 -11.86 -8.75
N SER A 347 24.12 -12.36 -9.12
CA SER A 347 23.44 -11.83 -10.30
C SER A 347 22.53 -10.67 -9.93
N GLY A 348 21.97 -10.02 -10.95
CA GLY A 348 20.90 -9.08 -10.71
C GLY A 348 19.67 -9.78 -10.15
N PHE A 349 18.91 -9.07 -9.31
CA PHE A 349 17.74 -9.66 -8.69
C PHE A 349 16.69 -8.58 -8.42
N HIS A 350 15.47 -9.03 -8.13
CA HIS A 350 14.39 -8.15 -7.71
C HIS A 350 13.43 -8.98 -6.87
N GLY A 351 12.46 -8.30 -6.28
CA GLY A 351 11.53 -8.98 -5.39
C GLY A 351 11.34 -8.23 -4.09
N SER A 352 12.26 -7.31 -3.80
CA SER A 352 12.32 -6.57 -2.53
C SER A 352 11.12 -5.62 -2.36
N ASP A 353 11.04 -5.04 -1.15
CA ASP A 353 10.11 -3.95 -0.77
C ASP A 353 9.78 -3.05 -1.93
N ASN A 354 8.48 -2.88 -2.23
CA ASN A 354 8.09 -2.11 -3.40
C ASN A 354 8.30 -0.61 -3.23
N LEU A 355 8.82 -0.15 -2.09
CA LEU A 355 9.20 1.25 -1.91
C LEU A 355 10.71 1.46 -1.96
N PHE A 356 11.49 0.43 -2.28
CA PHE A 356 12.92 0.64 -2.51
C PHE A 356 13.10 1.31 -3.86
N SER A 357 14.00 2.31 -3.91
CA SER A 357 14.12 3.11 -5.12
CA SER A 357 14.12 3.11 -5.12
C SER A 357 14.49 2.26 -6.33
N ASN A 358 15.39 1.29 -6.17
CA ASN A 358 15.79 0.51 -7.34
C ASN A 358 14.72 -0.47 -7.80
N MET A 359 13.66 -0.71 -7.03
CA MET A 359 12.54 -1.54 -7.48
C MET A 359 11.51 -0.77 -8.29
N GLN A 360 11.56 0.57 -8.30
CA GLN A 360 10.54 1.36 -8.97
C GLN A 360 10.55 1.07 -10.47
N ALA A 361 9.38 1.27 -11.09
CA ALA A 361 9.10 0.81 -12.44
C ALA A 361 8.86 1.99 -13.39
N LEU A 362 8.76 1.65 -14.68
CA LEU A 362 8.56 2.65 -15.72
C LEU A 362 7.07 2.86 -15.98
N PHE A 363 6.71 4.11 -16.25
CA PHE A 363 5.38 4.40 -16.81
C PHE A 363 5.51 5.62 -17.71
N ILE A 364 5.13 5.46 -18.97
CA ILE A 364 4.88 6.58 -19.87
C ILE A 364 3.52 6.36 -20.54
N GLY A 365 2.68 7.38 -20.52
CA GLY A 365 1.46 7.41 -21.31
C GLY A 365 1.61 8.39 -22.45
N TYR A 366 1.29 7.91 -23.66
CA TYR A 366 1.41 8.74 -24.86
C TYR A 366 0.22 8.49 -25.78
N GLY A 367 -0.39 9.57 -26.26
CA GLY A 367 -1.49 9.47 -27.20
C GLY A 367 -2.50 10.58 -27.02
N PRO A 368 -3.60 10.50 -27.76
CA PRO A 368 -4.66 11.52 -27.63
C PRO A 368 -5.09 11.76 -26.20
N ALA A 369 -5.27 10.69 -25.42
CA ALA A 369 -5.86 10.83 -24.09
C ALA A 369 -4.90 11.44 -23.07
N PHE A 370 -3.59 11.31 -23.28
CA PHE A 370 -2.59 11.71 -22.30
C PHE A 370 -2.09 13.12 -22.56
N LYS A 371 -1.74 13.81 -21.47
CA LYS A 371 -1.14 15.14 -21.58
C LYS A 371 0.24 15.07 -22.22
N HIS A 372 0.67 16.20 -22.78
CA HIS A 372 1.96 16.33 -23.43
C HIS A 372 2.93 17.09 -22.53
N GLY A 373 4.05 16.45 -22.19
CA GLY A 373 5.05 17.08 -21.34
C GLY A 373 4.68 17.14 -19.88
N ALA A 374 3.82 16.25 -19.41
CA ALA A 374 3.39 16.25 -18.02
C ALA A 374 4.23 15.26 -17.23
N GLU A 375 4.80 15.71 -16.12
CA GLU A 375 5.47 14.84 -15.18
C GLU A 375 4.64 14.84 -13.89
N VAL A 376 4.23 13.64 -13.45
CA VAL A 376 3.32 13.52 -12.31
C VAL A 376 4.02 12.75 -11.19
N ASP A 377 3.52 12.95 -9.97
CA ASP A 377 4.04 12.23 -8.80
C ASP A 377 3.87 10.71 -8.96
N SER A 378 4.63 9.97 -8.16
CA SER A 378 4.57 8.52 -8.22
C SER A 378 3.16 8.00 -7.91
N PHE A 379 2.82 6.87 -8.51
CA PHE A 379 1.56 6.19 -8.24
C PHE A 379 1.79 4.70 -8.40
N GLU A 380 0.90 3.91 -7.80
CA GLU A 380 1.00 2.45 -7.82
C GLU A 380 0.43 1.88 -9.11
N ASN A 381 0.98 0.73 -9.52
CA ASN A 381 0.54 0.15 -10.79
C ASN A 381 -0.88 -0.42 -10.72
N ILE A 382 -1.40 -0.71 -9.52
CA ILE A 382 -2.81 -1.10 -9.42
C ILE A 382 -3.76 0.01 -9.88
N GLU A 383 -3.29 1.25 -10.00
CA GLU A 383 -4.14 2.35 -10.48
C GLU A 383 -4.37 2.30 -11.99
N VAL A 384 -3.55 1.56 -12.73
CA VAL A 384 -3.57 1.61 -14.18
C VAL A 384 -4.80 0.91 -14.75
N TYR A 385 -5.31 -0.13 -14.06
CA TYR A 385 -6.47 -0.86 -14.57
C TYR A 385 -7.66 0.07 -14.79
N ASN A 386 -8.00 0.89 -13.78
CA ASN A 386 -9.08 1.84 -13.96
C ASN A 386 -8.80 2.79 -15.12
N LEU A 387 -7.55 3.23 -15.26
CA LEU A 387 -7.21 4.17 -16.32
C LEU A 387 -7.44 3.53 -17.69
N MET A 388 -6.96 2.31 -17.87
CA MET A 388 -7.21 1.60 -19.14
C MET A 388 -8.70 1.41 -19.36
N CYS A 389 -9.46 1.18 -18.29
CA CYS A 389 -10.91 1.09 -18.43
C CYS A 389 -11.47 2.38 -19.00
N ASP A 390 -11.05 3.53 -18.44
CA ASP A 390 -11.49 4.81 -18.98
C ASP A 390 -11.07 4.98 -20.45
N LEU A 391 -9.84 4.57 -20.79
CA LEU A 391 -9.40 4.68 -22.18
C LEU A 391 -10.24 3.83 -23.13
N LEU A 392 -10.80 2.73 -22.65
CA LEU A 392 -11.51 1.78 -23.51
C LEU A 392 -13.02 1.91 -23.43
N GLY A 393 -13.55 2.82 -22.62
CA GLY A 393 -14.99 2.92 -22.48
C GLY A 393 -15.61 1.81 -21.66
N LEU A 394 -14.82 1.22 -20.75
CA LEU A 394 -15.24 0.08 -19.93
C LEU A 394 -15.57 0.53 -18.52
N ILE A 395 -16.56 -0.13 -17.91
CA ILE A 395 -16.81 -0.02 -16.48
C ILE A 395 -15.90 -1.01 -15.77
N PRO A 396 -15.06 -0.59 -14.84
CA PRO A 396 -14.09 -1.51 -14.24
C PRO A 396 -14.76 -2.49 -13.29
N ALA A 397 -14.15 -3.67 -13.16
CA ALA A 397 -14.55 -4.58 -12.10
C ALA A 397 -14.08 -4.00 -10.78
N PRO A 398 -14.65 -4.46 -9.66
CA PRO A 398 -14.16 -3.96 -8.35
C PRO A 398 -12.69 -4.29 -8.19
N ASN A 399 -11.91 -3.29 -7.76
CA ASN A 399 -10.47 -3.46 -7.66
C ASN A 399 -9.91 -2.52 -6.60
N ASN A 400 -8.58 -2.53 -6.41
CA ASN A 400 -7.93 -1.76 -5.36
C ASN A 400 -7.44 -0.39 -5.81
N GLY A 401 -7.47 -0.11 -7.11
CA GLY A 401 -7.23 1.25 -7.56
C GLY A 401 -8.35 2.18 -7.13
N SER A 402 -8.01 3.46 -6.98
CA SER A 402 -8.95 4.52 -6.62
C SER A 402 -9.35 5.24 -7.91
N HIS A 403 -10.53 4.94 -8.41
CA HIS A 403 -10.97 5.44 -9.71
C HIS A 403 -11.09 6.96 -9.67
N GLY A 404 -10.35 7.61 -10.56
CA GLY A 404 -10.23 9.06 -10.60
C GLY A 404 -8.90 9.57 -10.09
N SER A 405 -8.11 8.73 -9.44
CA SER A 405 -6.87 9.23 -8.83
C SER A 405 -5.80 9.55 -9.87
N LEU A 406 -5.97 9.13 -11.13
CA LEU A 406 -5.04 9.44 -12.21
C LEU A 406 -5.64 10.41 -13.22
N ASN A 407 -6.74 11.11 -12.85
CA ASN A 407 -7.35 12.04 -13.79
C ASN A 407 -6.40 13.13 -14.23
N HIS A 408 -5.38 13.46 -13.40
CA HIS A 408 -4.45 14.50 -13.78
C HIS A 408 -3.49 14.09 -14.89
N LEU A 409 -3.49 12.80 -15.27
CA LEU A 409 -2.74 12.33 -16.42
C LEU A 409 -3.45 12.57 -17.75
N LEU A 410 -4.74 12.86 -17.73
CA LEU A 410 -5.58 12.83 -18.91
C LEU A 410 -5.92 14.24 -19.38
N LYS A 411 -5.93 14.45 -20.70
CA LYS A 411 -6.38 15.72 -21.24
C LYS A 411 -7.80 16.01 -20.81
N LYS A 412 -8.66 14.99 -20.78
CA LYS A 412 -10.07 15.15 -20.46
C LYS A 412 -10.53 13.96 -19.64
N PRO A 413 -10.56 14.10 -18.31
CA PRO A 413 -10.97 12.97 -17.45
C PRO A 413 -12.34 12.44 -17.82
N ILE A 414 -12.45 11.12 -17.77
CA ILE A 414 -13.66 10.36 -18.09
C ILE A 414 -14.55 10.18 -16.87
N TYR A 415 -13.96 9.86 -15.73
CA TYR A 415 -14.70 9.50 -14.53
C TYR A 415 -14.53 10.60 -13.49
N ASN A 416 -15.65 11.11 -12.98
CA ASN A 416 -15.65 12.14 -11.96
CA ASN A 416 -15.67 12.16 -11.97
C ASN A 416 -15.92 11.50 -10.60
N PRO A 417 -14.90 11.33 -9.77
CA PRO A 417 -15.10 10.59 -8.51
C PRO A 417 -15.84 11.42 -7.45
N SER A 418 -16.46 10.69 -6.53
CA SER A 418 -17.14 11.26 -5.38
C SER A 418 -16.53 10.75 -4.09
N HIS A 419 -16.66 11.53 -3.01
CA HIS A 419 -16.33 11.03 -1.69
C HIS A 419 -17.28 9.91 -1.30
N PRO A 420 -16.80 8.91 -0.56
CA PRO A 420 -17.71 7.85 -0.09
C PRO A 420 -18.74 8.41 0.89
N LYS A 421 -19.96 7.87 0.82
CA LYS A 421 -21.02 8.26 1.73
C LYS A 421 -20.74 7.81 3.16
N GLU A 422 -21.16 8.64 4.11
CA GLU A 422 -21.10 8.24 5.51
C GLU A 422 -22.23 7.25 5.74
N GLU A 423 -21.89 6.00 6.06
CA GLU A 423 -22.86 4.96 6.27
C GLU A 423 -23.09 4.63 7.74
N GLY A 424 -22.36 5.27 8.64
CA GLY A 424 -22.61 5.07 10.05
C GLY A 424 -23.90 5.74 10.49
N PHE A 425 -24.35 5.35 11.69
CA PHE A 425 -25.50 5.97 12.34
C PHE A 425 -24.93 6.96 13.36
N LEU A 426 -25.14 8.25 13.13
CA LEU A 426 -24.57 9.30 13.98
C LEU A 426 -25.61 9.76 14.99
N SER A 427 -25.18 9.92 16.24
CA SER A 427 -26.09 10.46 17.24
C SER A 427 -25.34 11.44 18.13
N GLN A 428 -26.12 12.18 18.91
CA GLN A 428 -25.59 12.99 19.99
C GLN A 428 -25.61 12.17 21.27
N CYS A 429 -24.54 12.27 22.05
CA CYS A 429 -24.46 11.52 23.30
C CYS A 429 -24.77 12.44 24.46
N PRO A 430 -25.91 12.27 25.12
CA PRO A 430 -26.28 13.18 26.20
C PRO A 430 -25.62 12.81 27.52
N ILE A 431 -25.40 13.83 28.36
CA ILE A 431 -24.91 13.64 29.71
C ILE A 431 -26.01 12.91 30.48
N LYS A 432 -25.91 11.59 30.54
CA LYS A 432 -26.98 10.76 31.10
C LYS A 432 -26.40 9.49 31.68
N SER A 433 -25.30 9.62 32.43
CA SER A 433 -24.63 8.48 33.04
C SER A 433 -24.47 8.78 34.53
N THR A 434 -24.97 7.87 35.37
CA THR A 434 -24.76 7.99 36.80
C THR A 434 -23.29 7.77 37.11
N SER A 435 -22.70 8.67 37.91
CA SER A 435 -21.28 8.57 38.21
C SER A 435 -21.01 7.33 39.05
N ASN A 436 -19.94 6.62 38.71
CA ASN A 436 -19.50 5.43 39.42
C ASN A 436 -18.03 5.56 39.78
N ASP A 437 -17.63 4.78 40.79
CA ASP A 437 -16.24 4.73 41.20
C ASP A 437 -15.41 4.00 40.15
N LEU A 438 -14.41 4.66 39.61
CA LEU A 438 -13.54 4.04 38.62
C LEU A 438 -12.34 3.33 39.24
N GLY A 439 -12.16 3.46 40.55
CA GLY A 439 -10.99 2.90 41.21
C GLY A 439 -9.71 3.66 40.96
N CYS A 440 -9.79 4.90 40.48
CA CYS A 440 -8.57 5.64 40.17
C CYS A 440 -8.00 6.27 41.43
N THR A 441 -6.72 6.62 41.36
CA THR A 441 -6.01 7.29 42.45
C THR A 441 -5.26 8.49 41.86
N CYS A 442 -6.03 9.49 41.43
CA CYS A 442 -5.46 10.65 40.77
C CYS A 442 -4.56 11.42 41.73
N ASP A 443 -3.39 11.85 41.22
CA ASP A 443 -2.47 12.63 42.01
C ASP A 443 -3.05 14.00 42.34
N PRO A 444 -2.57 14.65 43.40
CA PRO A 444 -3.19 15.91 43.85
C PRO A 444 -3.08 17.05 42.83
N TRP A 445 -2.05 17.04 41.98
CA TRP A 445 -1.87 18.11 41.00
C TRP A 445 -2.74 17.93 39.75
N ILE A 446 -3.48 16.84 39.65
CA ILE A 446 -4.42 16.69 38.53
C ILE A 446 -5.65 17.54 38.84
N VAL A 447 -5.92 18.53 37.98
CA VAL A 447 -7.07 19.42 38.16
C VAL A 447 -8.33 18.67 37.74
N PRO A 448 -9.24 18.37 38.67
CA PRO A 448 -10.40 17.53 38.34
C PRO A 448 -11.40 18.28 37.48
N ILE A 449 -12.34 17.51 36.94
CA ILE A 449 -13.52 18.05 36.29
C ILE A 449 -14.61 18.03 37.36
N LYS A 450 -14.68 19.12 38.15
CA LYS A 450 -15.59 19.15 39.29
C LYS A 450 -17.05 19.09 38.83
N ASP A 451 -17.43 19.96 37.90
CA ASP A 451 -18.78 20.00 37.36
C ASP A 451 -18.71 19.64 35.89
N PHE A 452 -19.17 18.42 35.55
CA PHE A 452 -19.15 17.97 34.17
C PHE A 452 -20.04 18.84 33.29
N GLU A 453 -21.25 19.15 33.77
CA GLU A 453 -22.20 19.97 33.02
C GLU A 453 -21.64 21.35 32.68
N ASP A 463 -18.05 26.40 17.13
CA ASP A 463 -17.63 26.48 15.75
C ASP A 463 -16.12 26.64 15.62
N ASP A 464 -15.59 27.67 16.28
CA ASP A 464 -14.15 27.88 16.27
C ASP A 464 -13.42 26.68 16.85
N ILE A 465 -13.94 26.13 17.96
CA ILE A 465 -13.33 24.94 18.54
C ILE A 465 -13.44 23.77 17.57
N TYR A 466 -14.59 23.61 16.92
CA TYR A 466 -14.75 22.51 15.97
C TYR A 466 -13.73 22.60 14.84
N HIS A 467 -13.63 23.77 14.19
CA HIS A 467 -12.67 23.91 13.10
C HIS A 467 -11.23 23.71 13.59
N MET A 468 -10.94 24.13 14.81
CA MET A 468 -9.58 23.96 15.34
C MET A 468 -9.21 22.49 15.45
N THR A 469 -10.16 21.64 15.81
CA THR A 469 -9.84 20.23 16.01
C THR A 469 -9.94 19.42 14.72
N VAL A 470 -10.80 19.82 13.77
CA VAL A 470 -10.93 19.10 12.50
C VAL A 470 -10.93 20.09 11.33
N PRO A 471 -9.82 20.79 11.09
CA PRO A 471 -9.83 21.88 10.10
C PRO A 471 -10.05 21.45 8.65
N TYR A 472 -9.99 20.16 8.36
CA TYR A 472 -10.22 19.62 7.02
C TYR A 472 -11.57 18.92 6.93
N GLY A 473 -12.40 19.05 7.95
CA GLY A 473 -13.62 18.29 8.17
C GLY A 473 -13.38 17.07 9.03
N ARG A 474 -14.40 16.69 9.80
CA ARG A 474 -14.26 15.50 10.63
C ARG A 474 -14.16 14.24 9.76
N PRO A 475 -13.47 13.21 10.23
CA PRO A 475 -13.51 11.92 9.53
C PRO A 475 -14.95 11.45 9.40
N ARG A 476 -15.27 10.88 8.25
CA ARG A 476 -16.58 10.29 8.05
C ARG A 476 -16.57 8.80 8.40
N ILE A 477 -17.69 8.33 8.94
CA ILE A 477 -17.85 6.93 9.32
C ILE A 477 -18.33 6.14 8.11
N LEU A 478 -17.43 5.35 7.51
CA LEU A 478 -17.87 4.45 6.46
C LEU A 478 -18.43 3.15 7.02
N LEU A 479 -18.05 2.79 8.24
CA LEU A 479 -18.54 1.57 8.88
C LEU A 479 -20.05 1.48 8.76
N LYS A 480 -20.52 0.45 8.05
CA LYS A 480 -21.93 0.40 7.70
C LYS A 480 -22.78 0.12 8.93
N GLN A 481 -23.69 1.05 9.22
CA GLN A 481 -24.66 0.94 10.32
C GLN A 481 -24.00 0.96 11.69
N HIS A 482 -22.76 1.41 11.78
CA HIS A 482 -22.07 1.49 13.06
C HIS A 482 -22.55 2.73 13.82
N ARG A 483 -22.79 2.57 15.12
CA ARG A 483 -23.35 3.65 15.93
C ARG A 483 -22.22 4.49 16.53
N VAL A 484 -22.16 5.76 16.13
CA VAL A 484 -21.10 6.68 16.52
C VAL A 484 -21.73 7.94 17.06
N CYS A 485 -21.18 8.48 18.15
CA CYS A 485 -21.53 9.84 18.54
C CYS A 485 -20.26 10.66 18.61
N LEU A 486 -20.39 11.95 18.36
CA LEU A 486 -19.25 12.85 18.36
C LEU A 486 -19.14 13.50 19.72
N LEU A 487 -17.98 13.40 20.33
CA LEU A 487 -17.72 14.00 21.63
C LEU A 487 -16.78 15.19 21.45
N GLN A 488 -17.27 16.39 21.75
CA GLN A 488 -16.48 17.61 21.58
C GLN A 488 -15.81 17.97 22.90
N GLN A 489 -14.51 18.25 22.85
CA GLN A 489 -13.78 18.78 23.98
C GLN A 489 -13.15 20.11 23.57
N GLN A 490 -12.57 20.81 24.55
CA GLN A 490 -11.97 22.11 24.25
C GLN A 490 -10.85 21.99 23.22
N GLN A 491 -10.08 20.90 23.28
CA GLN A 491 -8.89 20.80 22.48
C GLN A 491 -8.86 19.58 21.57
N PHE A 492 -9.92 18.76 21.56
CA PHE A 492 -9.96 17.66 20.61
C PHE A 492 -11.41 17.23 20.36
N LEU A 493 -11.59 16.47 19.29
CA LEU A 493 -12.88 15.91 18.90
C LEU A 493 -12.76 14.39 18.82
N THR A 494 -13.77 13.69 19.35
CA THR A 494 -13.76 12.23 19.41
C THR A 494 -14.93 11.67 18.62
N GLY A 495 -14.64 10.68 17.78
CA GLY A 495 -15.67 9.84 17.21
C GLY A 495 -15.81 8.58 18.02
N TYR A 496 -16.87 8.47 18.82
CA TYR A 496 -16.96 7.43 19.83
C TYR A 496 -17.90 6.33 19.36
N SER A 497 -17.42 5.08 19.43
CA SER A 497 -18.26 3.96 19.03
C SER A 497 -19.17 3.55 20.19
N LEU A 498 -20.48 3.66 19.98
CA LEU A 498 -21.43 3.13 20.94
C LEU A 498 -21.60 1.62 20.82
N ASP A 499 -21.13 1.01 19.72
CA ASP A 499 -21.17 -0.43 19.56
C ASP A 499 -19.98 -1.14 20.20
N LEU A 500 -18.82 -0.49 20.26
CA LEU A 500 -17.64 -1.10 20.89
C LEU A 500 -17.28 -0.48 22.23
N LEU A 501 -17.89 0.65 22.59
CA LEU A 501 -17.60 1.36 23.82
C LEU A 501 -16.11 1.71 23.90
N MET A 502 -15.60 2.25 22.80
CA MET A 502 -14.28 2.86 22.80
C MET A 502 -14.23 3.83 21.61
N PRO A 503 -13.28 4.76 21.61
CA PRO A 503 -13.25 5.77 20.54
C PRO A 503 -12.68 5.19 19.25
N LEU A 504 -13.30 5.54 18.13
CA LEU A 504 -12.76 5.13 16.84
C LEU A 504 -11.68 6.07 16.34
N TRP A 505 -11.73 7.34 16.76
CA TRP A 505 -10.73 8.31 16.37
C TRP A 505 -10.81 9.50 17.30
N ALA A 506 -9.68 10.17 17.46
CA ALA A 506 -9.60 11.47 18.11
C ALA A 506 -8.82 12.38 17.19
N SER A 507 -9.23 13.64 17.11
CA SER A 507 -8.60 14.59 16.20
C SER A 507 -8.26 15.85 16.97
N TYR A 508 -7.05 16.37 16.76
CA TYR A 508 -6.60 17.58 17.46
C TYR A 508 -5.48 18.20 16.65
N THR A 509 -5.17 19.46 16.95
CA THR A 509 -4.13 20.17 16.22
C THR A 509 -3.04 20.63 17.18
N PHE A 510 -1.80 20.31 16.83
CA PHE A 510 -0.62 20.52 17.66
C PHE A 510 0.17 21.66 17.03
N LEU A 511 0.05 22.86 17.58
CA LEU A 511 0.73 24.00 16.99
C LEU A 511 2.21 24.03 17.40
N SER A 512 3.00 24.72 16.58
CA SER A 512 4.46 24.66 16.68
C SER A 512 4.99 25.21 18.00
N ASN A 513 4.26 26.11 18.64
CA ASN A 513 4.73 26.72 19.88
C ASN A 513 4.05 26.15 21.12
N ASP A 514 3.22 25.13 20.96
CA ASP A 514 2.51 24.55 22.09
C ASP A 514 3.43 23.69 22.94
N GLN A 515 3.19 23.72 24.25
CA GLN A 515 4.05 23.08 25.23
C GLN A 515 3.32 21.92 25.90
N PHE A 516 4.09 20.91 26.29
CA PHE A 516 3.59 19.76 27.03
C PHE A 516 3.77 19.96 28.53
N SER A 517 2.90 19.33 29.30
CA SER A 517 3.05 19.35 30.74
C SER A 517 4.04 18.28 31.19
N ARG A 518 4.73 18.56 32.28
CA ARG A 518 5.70 17.64 32.85
C ARG A 518 5.10 16.74 33.93
N ASP A 519 3.86 16.99 34.34
CA ASP A 519 3.28 16.30 35.49
C ASP A 519 2.98 14.84 35.16
N ASP A 520 3.01 14.02 36.20
CA ASP A 520 2.59 12.63 36.08
C ASP A 520 1.07 12.53 36.11
N PHE A 521 0.53 11.49 35.48
CA PHE A 521 -0.92 11.28 35.51
C PHE A 521 -1.25 9.79 35.50
N SER A 522 -0.43 8.99 36.19
CA SER A 522 -0.64 7.55 36.22
C SER A 522 -1.91 7.18 36.96
N ASN A 523 -2.62 6.18 36.44
CA ASN A 523 -3.81 5.62 37.09
C ASN A 523 -4.84 6.70 37.45
N CYS A 524 -5.12 7.58 36.49
CA CYS A 524 -6.05 8.68 36.71
C CYS A 524 -6.96 8.82 35.50
N LEU A 525 -8.27 8.62 35.72
CA LEU A 525 -9.27 8.78 34.66
C LEU A 525 -10.48 9.49 35.24
N TYR A 526 -11.23 10.18 34.39
CA TYR A 526 -12.49 10.79 34.77
C TYR A 526 -13.60 10.23 33.90
N GLN A 527 -14.69 9.80 34.53
CA GLN A 527 -15.75 9.13 33.79
C GLN A 527 -16.45 10.14 32.88
N ASP A 528 -16.48 9.85 31.58
CA ASP A 528 -17.26 10.64 30.64
C ASP A 528 -18.73 10.26 30.82
N LEU A 529 -19.52 11.19 31.39
CA LEU A 529 -20.94 10.97 31.63
C LEU A 529 -21.77 11.00 30.36
N ARG A 530 -21.17 11.19 29.18
CA ARG A 530 -21.90 11.12 27.93
C ARG A 530 -21.90 9.74 27.29
N ILE A 531 -21.16 8.77 27.83
CA ILE A 531 -21.05 7.45 27.21
C ILE A 531 -21.51 6.40 28.21
N PRO A 532 -21.95 5.25 27.73
CA PRO A 532 -22.26 4.13 28.63
C PRO A 532 -21.00 3.69 29.39
N LEU A 533 -21.16 3.47 30.69
CA LEU A 533 -20.04 3.04 31.52
C LEU A 533 -19.80 1.54 31.33
N SER A 534 -18.55 1.17 31.00
CA SER A 534 -18.16 -0.22 30.87
C SER A 534 -17.17 -0.61 31.97
N PRO A 535 -17.20 -1.86 32.45
CA PRO A 535 -16.17 -2.28 33.42
C PRO A 535 -14.75 -2.09 32.91
N VAL A 536 -14.53 -2.11 31.60
CA VAL A 536 -13.18 -1.97 31.06
C VAL A 536 -12.88 -0.51 30.77
N HIS A 537 -13.72 0.38 31.32
CA HIS A 537 -13.43 1.81 31.37
C HIS A 537 -12.73 2.22 32.66
N LYS A 538 -12.70 1.34 33.66
CA LYS A 538 -12.31 1.71 35.02
C LYS A 538 -10.83 1.51 35.26
N CYS A 539 -10.25 2.36 36.11
CA CYS A 539 -8.87 2.16 36.54
C CYS A 539 -8.68 0.77 37.15
N SER A 540 -9.65 0.32 37.94
CA SER A 540 -9.50 -0.93 38.68
C SER A 540 -9.35 -2.12 37.75
N TYR A 541 -9.89 -2.03 36.54
CA TYR A 541 -9.77 -3.14 35.60
C TYR A 541 -8.33 -3.34 35.14
N TYR A 542 -7.59 -2.25 34.94
CA TYR A 542 -6.23 -2.30 34.43
C TYR A 542 -5.18 -2.28 35.53
N LYS A 543 -5.58 -2.12 36.79
CA LYS A 543 -4.66 -2.07 37.91
C LYS A 543 -3.85 -3.36 38.03
N SER A 544 -2.54 -3.27 37.79
CA SER A 544 -1.62 -4.41 37.83
C SER A 544 -2.00 -5.51 36.85
N ASN A 545 -2.84 -5.18 35.86
CA ASN A 545 -3.24 -6.13 34.82
C ASN A 545 -2.01 -6.47 33.99
N SER A 546 -1.40 -7.61 34.28
CA SER A 546 -0.23 -8.04 33.52
C SER A 546 -0.54 -8.29 32.06
N LYS A 547 -1.81 -8.55 31.73
CA LYS A 547 -2.18 -8.86 30.36
C LYS A 547 -2.29 -7.60 29.49
N LEU A 548 -2.69 -6.47 30.07
CA LEU A 548 -3.16 -5.37 29.26
C LEU A 548 -3.19 -4.09 30.09
N SER A 549 -2.87 -2.97 29.43
CA SER A 549 -3.01 -1.66 30.05
C SER A 549 -3.95 -0.80 29.21
N TYR A 550 -3.90 0.52 29.38
CA TYR A 550 -4.66 1.43 28.53
C TYR A 550 -3.76 2.58 28.08
N GLY A 551 -4.12 3.17 26.94
CA GLY A 551 -3.41 4.32 26.42
C GLY A 551 -4.42 5.37 25.97
N PHE A 552 -3.93 6.57 25.70
CA PHE A 552 -4.77 7.71 25.35
C PHE A 552 -4.64 8.05 23.88
N LEU A 553 -5.76 8.39 23.22
CA LEU A 553 -5.65 8.80 21.83
C LEU A 553 -5.14 10.23 21.72
N THR A 554 -5.67 11.12 22.54
CA THR A 554 -5.17 12.49 22.62
C THR A 554 -4.21 12.59 23.80
N PRO A 555 -3.04 13.22 23.65
CA PRO A 555 -2.04 13.21 24.75
C PRO A 555 -2.42 14.20 25.84
N PRO A 556 -2.63 13.72 27.07
CA PRO A 556 -3.02 14.65 28.16
C PRO A 556 -1.96 15.70 28.49
N ARG A 557 -0.70 15.52 28.10
CA ARG A 557 0.31 16.52 28.43
C ARG A 557 0.19 17.77 27.57
N LEU A 558 -0.42 17.69 26.41
CA LEU A 558 -0.59 18.82 25.52
C LEU A 558 -1.76 19.66 26.06
N ASN A 559 -1.45 20.87 26.51
CA ASN A 559 -2.46 21.78 27.03
C ASN A 559 -2.14 23.17 26.47
N ARG A 560 -2.95 23.60 25.49
CA ARG A 560 -2.64 24.82 24.75
C ARG A 560 -2.94 26.08 25.53
N VAL A 561 -3.77 26.01 26.56
CA VAL A 561 -4.20 27.20 27.30
C VAL A 561 -3.60 27.23 28.70
N SER A 562 -3.52 26.10 29.38
CA SER A 562 -3.13 26.04 30.77
C SER A 562 -1.84 25.24 30.93
N ASN A 563 -1.21 25.40 32.11
CA ASN A 563 0.12 24.85 32.36
C ASN A 563 0.11 23.40 32.86
N HIS A 564 -1.05 22.89 33.24
CA HIS A 564 -1.18 21.60 33.90
C HIS A 564 -1.61 20.53 32.90
N ILE A 565 -1.77 19.30 33.41
CA ILE A 565 -2.32 18.23 32.59
C ILE A 565 -3.69 18.63 32.08
N TYR A 566 -3.96 18.33 30.81
CA TYR A 566 -5.25 18.62 30.19
C TYR A 566 -6.26 17.57 30.66
N SER A 567 -7.10 17.94 31.62
CA SER A 567 -7.93 16.94 32.29
C SER A 567 -9.00 16.35 31.37
N GLU A 568 -9.44 17.07 30.35
CA GLU A 568 -10.40 16.49 29.43
C GLU A 568 -9.80 15.35 28.62
N ALA A 569 -8.49 15.29 28.46
CA ALA A 569 -7.88 14.15 27.80
C ALA A 569 -7.85 12.90 28.68
N LEU A 570 -8.16 13.03 29.96
CA LEU A 570 -8.26 11.91 30.87
C LEU A 570 -9.65 11.28 30.90
N LEU A 571 -10.58 11.74 30.07
CA LEU A 571 -11.92 11.16 30.02
C LEU A 571 -11.87 9.69 29.61
N THR A 572 -12.84 8.91 30.11
CA THR A 572 -12.91 7.49 29.76
C THR A 572 -13.20 7.26 28.29
N SER A 573 -13.71 8.28 27.59
CA SER A 573 -13.95 8.15 26.15
C SER A 573 -12.68 8.29 25.33
N ASN A 574 -11.54 8.58 25.98
CA ASN A 574 -10.28 8.86 25.28
C ASN A 574 -9.26 7.74 25.45
N ILE A 575 -9.65 6.59 26.00
CA ILE A 575 -8.70 5.52 26.24
C ILE A 575 -9.02 4.31 25.37
N VAL A 576 -7.97 3.55 25.09
CA VAL A 576 -8.04 2.30 24.32
C VAL A 576 -7.22 1.25 25.05
N PRO A 577 -7.58 -0.02 24.89
CA PRO A 577 -6.74 -1.08 25.47
C PRO A 577 -5.37 -1.05 24.79
N MET A 578 -4.31 -1.21 25.59
CA MET A 578 -2.97 -1.04 25.04
C MET A 578 -1.97 -1.87 25.85
N TYR A 579 -1.20 -2.70 25.15
CA TYR A 579 -0.14 -3.45 25.79
C TYR A 579 0.95 -2.53 26.34
N GLN A 580 1.54 -2.94 27.47
CA GLN A 580 2.67 -2.19 28.02
C GLN A 580 3.80 -2.06 27.01
N SER A 581 4.10 -3.15 26.28
CA SER A 581 5.14 -3.08 25.26
C SER A 581 4.86 -1.97 24.24
N PHE A 582 3.61 -1.84 23.80
CA PHE A 582 3.29 -0.82 22.80
C PHE A 582 3.29 0.57 23.41
N GLN A 583 3.01 0.69 24.71
CA GLN A 583 3.12 1.99 25.35
C GLN A 583 4.50 2.61 25.15
N VAL A 584 5.55 1.79 25.08
CA VAL A 584 6.89 2.33 24.85
C VAL A 584 6.92 3.11 23.54
N ILE A 585 6.35 2.53 22.50
CA ILE A 585 6.24 3.19 21.20
C ILE A 585 5.32 4.41 21.29
N TRP A 586 4.10 4.21 21.79
CA TRP A 586 3.10 5.28 21.84
C TRP A 586 3.59 6.48 22.65
N HIS A 587 4.25 6.22 23.79
CA HIS A 587 4.74 7.31 24.62
C HIS A 587 5.87 8.07 23.94
N TYR A 588 6.78 7.36 23.27
CA TYR A 588 7.88 8.03 22.58
C TYR A 588 7.35 8.86 21.40
N LEU A 589 6.46 8.28 20.60
CA LEU A 589 5.76 9.02 19.54
C LEU A 589 5.20 10.34 20.05
N HIS A 590 4.44 10.31 21.15
CA HIS A 590 3.75 11.51 21.59
C HIS A 590 4.60 12.42 22.46
N ASP A 591 5.45 11.89 23.34
CA ASP A 591 6.27 12.78 24.16
C ASP A 591 7.46 13.36 23.42
N THR A 592 7.96 12.67 22.39
CA THR A 592 9.20 13.08 21.73
C THR A 592 9.02 13.40 20.25
N LEU A 593 8.46 12.47 19.46
CA LEU A 593 8.47 12.66 18.02
C LEU A 593 7.49 13.75 17.57
N LEU A 594 6.26 13.74 18.10
CA LEU A 594 5.26 14.71 17.65
C LEU A 594 5.74 16.15 17.81
N GLN A 595 6.37 16.47 18.96
CA GLN A 595 6.88 17.82 19.16
C GLN A 595 7.89 18.20 18.08
N ARG A 596 8.78 17.26 17.72
CA ARG A 596 9.75 17.53 16.67
C ARG A 596 9.06 17.69 15.32
N TYR A 597 8.11 16.82 15.00
CA TYR A 597 7.38 16.94 13.73
C TYR A 597 6.65 18.27 13.64
N ALA A 598 6.09 18.74 14.76
CA ALA A 598 5.39 20.03 14.73
C ALA A 598 6.37 21.19 14.53
N HIS A 599 7.58 21.08 15.05
CA HIS A 599 8.58 22.10 14.75
C HIS A 599 8.95 22.06 13.27
N GLU A 600 9.21 20.86 12.74
CA GLU A 600 9.62 20.73 11.34
C GLU A 600 8.51 21.15 10.37
N ARG A 601 7.25 20.95 10.74
CA ARG A 601 6.15 21.15 9.79
C ARG A 601 5.35 22.42 10.06
N ASN A 602 5.76 23.22 11.03
CA ASN A 602 5.02 24.39 11.49
C ASN A 602 3.64 23.99 12.01
N GLY A 603 3.63 23.03 12.94
CA GLY A 603 2.42 22.46 13.46
C GLY A 603 1.97 21.23 12.67
N ILE A 604 1.21 20.37 13.34
CA ILE A 604 0.56 19.22 12.70
C ILE A 604 -0.83 19.05 13.27
N ASN A 605 -1.76 18.66 12.40
CA ASN A 605 -3.03 18.12 12.83
C ASN A 605 -2.89 16.61 12.93
N VAL A 606 -3.48 16.03 13.96
CA VAL A 606 -3.37 14.60 14.25
C VAL A 606 -4.74 13.98 14.30
N VAL A 607 -4.91 12.82 13.66
CA VAL A 607 -5.99 11.90 13.95
C VAL A 607 -5.36 10.54 14.28
N SER A 608 -5.76 9.95 15.39
CA SER A 608 -5.29 8.64 15.80
CA SER A 608 -5.29 8.63 15.78
C SER A 608 -6.47 7.80 16.26
N GLY A 609 -6.30 6.48 16.24
CA GLY A 609 -7.35 5.59 16.72
C GLY A 609 -6.95 4.13 16.60
N PRO A 610 -7.81 3.25 17.10
CA PRO A 610 -7.55 1.81 17.01
C PRO A 610 -7.88 1.26 15.63
N VAL A 611 -7.33 0.07 15.37
CA VAL A 611 -7.60 -0.71 14.16
C VAL A 611 -7.92 -2.13 14.57
N PHE A 612 -8.90 -2.75 13.93
CA PHE A 612 -9.24 -4.16 14.14
C PHE A 612 -9.23 -4.84 12.78
N ASP A 613 -8.15 -5.56 12.48
CA ASP A 613 -8.07 -6.32 11.23
C ASP A 613 -7.61 -7.74 11.57
N PHE A 614 -8.46 -8.44 12.33
CA PHE A 614 -8.08 -9.76 12.82
C PHE A 614 -7.92 -10.78 11.71
N ASP A 615 -8.68 -10.64 10.63
CA ASP A 615 -8.58 -11.55 9.50
C ASP A 615 -7.59 -11.09 8.45
N TYR A 616 -6.77 -10.09 8.79
CA TYR A 616 -5.62 -9.62 8.00
C TYR A 616 -5.92 -9.50 6.51
N ASP A 617 -7.05 -8.87 6.20
CA ASP A 617 -7.42 -8.58 4.82
C ASP A 617 -7.28 -7.11 4.47
N GLY A 618 -6.71 -6.30 5.39
CA GLY A 618 -6.53 -4.88 5.15
C GLY A 618 -7.80 -4.05 5.20
N ARG A 619 -8.91 -4.65 5.63
CA ARG A 619 -10.18 -3.94 5.72
C ARG A 619 -10.76 -4.08 7.11
N TYR A 620 -11.55 -3.10 7.54
CA TYR A 620 -12.14 -3.18 8.88
C TYR A 620 -12.96 -4.45 9.02
N ASP A 621 -12.97 -5.00 10.24
CA ASP A 621 -13.63 -6.26 10.51
C ASP A 621 -15.12 -6.09 10.76
N SER A 622 -15.90 -7.05 10.27
CA SER A 622 -17.32 -7.14 10.61
C SER A 622 -17.52 -7.40 12.11
N LEU A 623 -18.74 -7.12 12.57
CA LEU A 623 -19.09 -7.39 13.96
C LEU A 623 -18.90 -8.87 14.29
N GLU A 624 -19.29 -9.75 13.37
CA GLU A 624 -19.08 -11.18 13.53
C GLU A 624 -17.60 -11.50 13.81
N ILE A 625 -16.69 -10.90 13.04
CA ILE A 625 -15.27 -11.17 13.22
C ILE A 625 -14.77 -10.59 14.55
N LEU A 626 -15.24 -9.40 14.92
CA LEU A 626 -14.86 -8.85 16.22
C LEU A 626 -15.31 -9.76 17.37
N LYS A 627 -16.51 -10.31 17.30
CA LYS A 627 -16.99 -11.17 18.38
C LYS A 627 -16.14 -12.42 18.53
N GLN A 628 -15.68 -13.00 17.41
CA GLN A 628 -14.83 -14.18 17.46
C GLN A 628 -13.44 -13.88 18.00
N ASN A 629 -13.04 -12.61 18.02
CA ASN A 629 -11.69 -12.27 18.44
C ASN A 629 -11.64 -11.53 19.77
N SER A 630 -12.78 -11.36 20.43
CA SER A 630 -12.80 -10.83 21.79
C SER A 630 -12.08 -11.80 22.73
N ARG A 631 -11.55 -11.26 23.82
CA ARG A 631 -10.83 -12.05 24.81
C ARG A 631 -11.44 -11.79 26.18
N VAL A 632 -11.53 -12.83 27.00
CA VAL A 632 -11.96 -12.67 28.38
C VAL A 632 -10.70 -12.47 29.23
N ILE A 633 -10.53 -11.28 29.78
CA ILE A 633 -9.39 -10.96 30.62
C ILE A 633 -9.91 -10.33 31.91
N ARG A 634 -9.50 -10.90 33.05
CA ARG A 634 -10.00 -10.48 34.37
C ARG A 634 -11.53 -10.48 34.39
N SER A 635 -12.12 -11.55 33.86
CA SER A 635 -13.57 -11.77 33.90
C SER A 635 -14.35 -10.73 33.10
N GLN A 636 -13.75 -10.09 32.11
CA GLN A 636 -14.46 -9.16 31.26
C GLN A 636 -14.08 -9.41 29.81
N GLU A 637 -15.08 -9.39 28.92
CA GLU A 637 -14.80 -9.44 27.50
C GLU A 637 -14.18 -8.12 27.06
N ILE A 638 -13.10 -8.20 26.30
CA ILE A 638 -12.41 -7.01 25.81
C ILE A 638 -11.89 -7.30 24.41
N LEU A 639 -11.86 -6.25 23.61
CA LEU A 639 -11.45 -6.30 22.22
C LEU A 639 -10.15 -5.51 22.11
N ILE A 640 -9.06 -6.19 21.77
CA ILE A 640 -7.72 -5.59 21.75
C ILE A 640 -7.39 -5.23 20.31
N PRO A 641 -7.11 -3.95 20.01
CA PRO A 641 -6.79 -3.57 18.62
C PRO A 641 -5.59 -4.35 18.10
N THR A 642 -5.63 -4.65 16.79
CA THR A 642 -4.48 -5.26 16.12
C THR A 642 -3.43 -4.23 15.74
N HIS A 643 -3.83 -2.97 15.58
CA HIS A 643 -2.93 -1.91 15.18
C HIS A 643 -3.43 -0.61 15.80
N PHE A 644 -2.59 0.42 15.75
CA PHE A 644 -3.07 1.77 15.98
C PHE A 644 -2.67 2.63 14.80
N PHE A 645 -3.58 3.49 14.34
CA PHE A 645 -3.26 4.38 13.23
C PHE A 645 -3.01 5.79 13.74
N ILE A 646 -2.18 6.52 13.00
CA ILE A 646 -2.04 7.95 13.21
C ILE A 646 -1.88 8.61 11.85
N VAL A 647 -2.59 9.71 11.62
CA VAL A 647 -2.46 10.50 10.39
C VAL A 647 -2.03 11.90 10.79
N LEU A 648 -0.92 12.37 10.22
CA LEU A 648 -0.35 13.68 10.49
C LEU A 648 -0.51 14.58 9.26
N THR A 649 -1.14 15.74 9.44
CA THR A 649 -1.44 16.63 8.33
C THR A 649 -0.96 18.03 8.66
N SER A 650 -0.33 18.67 7.67
CA SER A 650 0.18 20.05 7.78
C SER A 650 0.14 20.66 6.38
N CYS A 651 0.73 21.84 6.23
CA CYS A 651 0.65 22.57 4.97
C CYS A 651 1.88 22.35 4.11
N LYS A 652 1.67 22.40 2.78
CA LYS A 652 2.78 22.41 1.84
C LYS A 652 3.70 23.61 2.08
N GLN A 653 3.10 24.78 2.28
CA GLN A 653 3.86 26.00 2.58
C GLN A 653 4.11 26.06 4.08
N LEU A 654 5.39 26.11 4.46
CA LEU A 654 5.76 26.12 5.87
C LEU A 654 5.35 27.41 6.58
N SER A 655 5.01 28.47 5.86
CA SER A 655 4.55 29.69 6.51
C SER A 655 3.12 29.57 7.03
N GLU A 656 2.41 28.49 6.69
CA GLU A 656 1.02 28.30 7.08
C GLU A 656 0.93 27.23 8.16
N THR A 657 0.11 27.50 9.19
CA THR A 657 -0.17 26.50 10.22
C THR A 657 -1.25 25.55 9.70
N PRO A 658 -1.41 24.37 10.33
CA PRO A 658 -2.41 23.40 9.82
C PRO A 658 -3.83 23.91 9.77
N LEU A 659 -4.15 25.06 10.36
CA LEU A 659 -5.49 25.60 10.32
C LEU A 659 -5.73 26.48 9.10
N GLU A 660 -4.72 26.68 8.25
CA GLU A 660 -4.83 27.66 7.16
C GLU A 660 -4.07 27.18 5.93
N CYS A 661 -4.11 25.88 5.64
CA CYS A 661 -3.30 25.33 4.56
C CYS A 661 -3.88 25.66 3.19
N SER A 662 -3.06 26.23 2.32
CA SER A 662 -3.43 26.31 0.91
C SER A 662 -3.46 24.93 0.28
N ALA A 663 -2.57 24.03 0.70
CA ALA A 663 -2.50 22.65 0.22
C ALA A 663 -1.90 21.78 1.32
N LEU A 664 -2.26 20.50 1.30
CA LEU A 664 -1.97 19.58 2.41
C LEU A 664 -0.73 18.74 2.16
N GLU A 665 0.02 18.51 3.25
CA GLU A 665 1.03 17.47 3.37
C GLU A 665 0.53 16.44 4.36
N SER A 666 0.50 15.15 3.96
CA SER A 666 -0.05 14.09 4.80
C SER A 666 0.96 12.97 5.04
N SER A 667 1.03 12.47 6.29
CA SER A 667 1.77 11.26 6.62
C SER A 667 0.88 10.33 7.43
N ALA A 668 0.82 9.05 7.06
CA ALA A 668 -0.04 8.10 7.74
C ALA A 668 0.77 6.87 8.16
N TYR A 669 0.32 6.22 9.23
CA TYR A 669 1.05 5.10 9.81
C TYR A 669 0.04 4.12 10.40
N ILE A 670 0.31 2.84 10.22
CA ILE A 670 -0.53 1.77 10.78
C ILE A 670 0.41 0.90 11.60
N LEU A 671 0.48 1.17 12.86
CA LEU A 671 1.46 0.62 13.79
C LEU A 671 0.95 -0.70 14.36
N PRO A 672 1.70 -1.80 14.21
CA PRO A 672 1.26 -3.06 14.81
C PRO A 672 1.21 -2.96 16.32
N HIS A 673 0.18 -3.57 16.90
CA HIS A 673 -0.05 -3.53 18.34
C HIS A 673 0.32 -4.91 18.87
N ARG A 674 1.60 -5.08 19.17
CA ARG A 674 2.13 -6.36 19.59
CA ARG A 674 2.05 -6.38 19.61
C ARG A 674 2.44 -6.36 21.09
N PRO A 675 2.30 -7.49 21.78
CA PRO A 675 2.56 -7.53 23.23
C PRO A 675 4.02 -7.61 23.63
N ASP A 676 4.95 -7.67 22.68
CA ASP A 676 6.37 -7.42 22.98
C ASP A 676 6.96 -6.60 21.85
N ASN A 677 8.24 -6.30 21.95
CA ASN A 677 8.91 -5.52 20.93
C ASN A 677 9.99 -6.35 20.22
N ILE A 678 9.72 -7.64 20.06
CA ILE A 678 10.70 -8.51 19.40
C ILE A 678 10.94 -8.04 17.97
N GLU A 679 9.93 -7.43 17.34
CA GLU A 679 10.10 -6.95 15.96
C GLU A 679 11.29 -6.01 15.84
N SER A 680 11.51 -5.18 16.87
CA SER A 680 12.53 -4.15 16.83
C SER A 680 13.84 -4.56 17.48
N CYS A 681 13.90 -5.75 18.08
CA CYS A 681 15.11 -6.27 18.68
C CYS A 681 15.70 -5.25 19.68
N THR A 682 14.97 -5.06 20.80
CA THR A 682 15.27 -4.01 21.77
C THR A 682 15.98 -4.49 23.03
N HIS A 683 16.28 -5.79 23.17
CA HIS A 683 17.00 -6.24 24.35
C HIS A 683 18.36 -5.57 24.46
N GLY A 684 19.05 -5.41 23.33
CA GLY A 684 20.31 -4.69 23.33
C GLY A 684 20.15 -3.27 22.86
N LYS A 685 19.62 -2.40 23.72
CA LYS A 685 19.37 -1.00 23.38
C LYS A 685 19.16 -0.18 24.65
N ARG A 686 19.74 1.03 24.67
CA ARG A 686 19.65 1.94 25.81
C ARG A 686 19.13 3.31 25.39
N GLU A 687 18.36 3.34 24.30
CA GLU A 687 17.67 4.52 23.81
C GLU A 687 16.63 4.05 22.81
N SER A 688 15.67 4.91 22.49
CA SER A 688 14.45 4.48 21.84
C SER A 688 14.28 4.98 20.41
N SER A 689 15.37 5.36 19.73
CA SER A 689 15.26 5.78 18.34
C SER A 689 14.74 4.67 17.41
N TRP A 690 14.87 3.40 17.80
CA TRP A 690 14.25 2.31 17.04
C TRP A 690 12.75 2.52 16.87
N VAL A 691 12.11 3.29 17.75
CA VAL A 691 10.71 3.59 17.57
C VAL A 691 10.48 4.32 16.26
N GLU A 692 11.36 5.27 15.93
CA GLU A 692 11.21 5.99 14.68
C GLU A 692 11.42 5.08 13.47
N GLU A 693 12.33 4.12 13.56
CA GLU A 693 12.51 3.18 12.46
C GLU A 693 11.27 2.31 12.27
N LEU A 694 10.61 1.95 13.37
CA LEU A 694 9.38 1.16 13.26
C LEU A 694 8.30 1.96 12.57
N LEU A 695 8.16 3.24 12.93
CA LEU A 695 7.18 4.11 12.28
C LEU A 695 7.44 4.18 10.79
N THR A 696 8.68 4.44 10.40
CA THR A 696 9.01 4.57 8.98
C THR A 696 8.66 3.30 8.23
N LEU A 697 8.98 2.14 8.80
CA LEU A 697 8.68 0.87 8.13
C LEU A 697 7.18 0.67 7.95
N HIS A 698 6.37 1.11 8.91
CA HIS A 698 4.94 0.88 8.91
C HIS A 698 4.15 2.09 8.45
N ARG A 699 4.81 3.04 7.80
CA ARG A 699 4.09 4.10 7.09
C ARG A 699 3.10 3.47 6.12
N ALA A 700 2.09 4.26 5.74
CA ALA A 700 1.01 3.72 4.93
C ALA A 700 0.36 4.86 4.16
N ARG A 701 -0.34 4.51 3.09
CA ARG A 701 -1.16 5.51 2.40
C ARG A 701 -2.30 5.93 3.31
N VAL A 702 -2.75 7.19 3.18
CA VAL A 702 -3.97 7.55 3.90
C VAL A 702 -5.10 6.60 3.52
N THR A 703 -5.17 6.22 2.25
CA THR A 703 -6.18 5.28 1.79
C THR A 703 -6.08 3.94 2.50
N ASP A 704 -4.85 3.50 2.81
CA ASP A 704 -4.67 2.28 3.62
C ASP A 704 -5.39 2.40 4.95
N VAL A 705 -5.19 3.53 5.64
CA VAL A 705 -5.89 3.75 6.90
C VAL A 705 -7.40 3.75 6.68
N GLU A 706 -7.86 4.40 5.61
CA GLU A 706 -9.32 4.46 5.36
C GLU A 706 -9.89 3.06 5.18
N LEU A 707 -9.22 2.22 4.39
CA LEU A 707 -9.71 0.88 4.13
C LEU A 707 -9.81 0.05 5.41
N ILE A 708 -8.79 0.15 6.28
CA ILE A 708 -8.70 -0.73 7.43
C ILE A 708 -9.48 -0.22 8.65
N THR A 709 -9.90 1.06 8.67
CA THR A 709 -10.71 1.63 9.76
C THR A 709 -12.14 1.95 9.35
N GLY A 710 -12.47 1.92 8.07
CA GLY A 710 -13.78 2.42 7.62
C GLY A 710 -13.99 3.89 7.95
N LEU A 711 -12.96 4.71 7.77
CA LEU A 711 -13.04 6.16 7.96
C LEU A 711 -12.61 6.85 6.68
N SER A 712 -13.10 8.07 6.44
CA SER A 712 -12.73 8.86 5.27
C SER A 712 -12.34 10.27 5.68
N PHE A 713 -11.14 10.71 5.28
CA PHE A 713 -10.55 11.96 5.74
C PHE A 713 -10.67 13.09 4.72
N TYR A 714 -10.64 14.32 5.22
CA TYR A 714 -10.48 15.54 4.43
C TYR A 714 -11.69 15.87 3.56
N GLN A 715 -12.88 15.35 3.86
CA GLN A 715 -13.97 15.53 2.90
C GLN A 715 -14.46 16.97 2.80
N ASP A 716 -14.14 17.83 3.74
CA ASP A 716 -14.59 19.21 3.65
C ASP A 716 -13.57 20.13 2.99
N ARG A 717 -12.43 19.62 2.53
CA ARG A 717 -11.49 20.45 1.79
C ARG A 717 -12.09 20.85 0.44
N GLN A 718 -11.62 21.98 -0.09
CA GLN A 718 -12.15 22.49 -1.35
C GLN A 718 -11.52 21.86 -2.58
N GLU A 719 -10.38 21.18 -2.43
CA GLU A 719 -9.79 20.46 -3.56
C GLU A 719 -10.80 19.48 -4.16
N SER A 720 -10.66 19.22 -5.46
CA SER A 720 -11.49 18.22 -6.12
C SER A 720 -11.26 16.84 -5.48
N VAL A 721 -12.21 15.93 -5.72
CA VAL A 721 -12.08 14.59 -5.16
C VAL A 721 -10.84 13.90 -5.73
N SER A 722 -10.55 14.12 -7.02
CA SER A 722 -9.38 13.49 -7.62
CA SER A 722 -9.37 13.50 -7.64
C SER A 722 -8.08 14.02 -7.01
N GLU A 723 -8.01 15.32 -6.73
CA GLU A 723 -6.83 15.87 -6.08
C GLU A 723 -6.65 15.25 -4.70
N LEU A 724 -7.74 15.02 -3.98
CA LEU A 724 -7.63 14.43 -2.66
C LEU A 724 -7.25 12.96 -2.72
N LEU A 725 -7.68 12.26 -3.77
CA LEU A 725 -7.25 10.87 -3.99
C LEU A 725 -5.75 10.81 -4.23
N ARG A 726 -5.21 11.78 -4.98
CA ARG A 726 -3.76 11.83 -5.19
C ARG A 726 -3.04 12.00 -3.86
N LEU A 727 -3.53 12.89 -3.02
CA LEU A 727 -2.93 13.07 -1.70
C LEU A 727 -3.02 11.78 -0.90
N LYS A 728 -4.18 11.12 -0.94
CA LYS A 728 -4.38 10.02 0.00
C LYS A 728 -3.78 8.70 -0.49
N THR A 729 -3.44 8.57 -1.78
CA THR A 729 -2.78 7.36 -2.25
C THR A 729 -1.26 7.44 -2.25
N HIS A 730 -0.69 8.61 -1.94
CA HIS A 730 0.75 8.79 -2.03
C HIS A 730 1.46 8.02 -0.92
N LEU A 731 2.66 7.54 -1.24
CA LEU A 731 3.50 6.91 -0.25
C LEU A 731 4.94 7.23 -0.67
N PRO A 732 5.76 7.74 0.25
CA PRO A 732 7.12 8.13 -0.11
C PRO A 732 8.00 6.91 -0.33
N ILE A 733 8.90 7.04 -1.30
CA ILE A 733 9.89 6.01 -1.63
C ILE A 733 11.08 6.13 -0.68
N PHE A 734 11.61 4.98 -0.23
CA PHE A 734 12.89 4.96 0.48
C PHE A 734 14.03 5.13 -0.52
N SER A 735 14.72 6.26 -0.45
CA SER A 735 15.81 6.54 -1.38
C SER A 735 17.08 5.80 -0.96
N GLN A 736 17.64 5.03 -1.88
CA GLN A 736 18.83 4.25 -1.62
C GLN A 736 20.10 5.08 -1.82
#